data_6MA3
#
_entry.id   6MA3
#
_cell.length_a   98.180
_cell.length_b   98.180
_cell.length_c   365.104
_cell.angle_alpha   90.000
_cell.angle_beta   90.000
_cell.angle_gamma   120.000
#
_symmetry.space_group_name_H-M   'P 61 2 2'
#
loop_
_entity.id
_entity.type
_entity.pdbx_description
1 polymer 'UDP-N-acetylglucosamine--peptide N-acetylglucosaminyltransferase 110 kDa subunit'
2 polymer 'Host Cell Factor 1 peptide'
3 non-polymer '4-{2-[(1R)-2-{(carboxymethyl)[(thiophen-2-yl)methyl]amino}-2-oxo-1-{[(2-oxo-1,2-dihydroquinolin-6-yl)sulfonyl]amino}ethyl]phenoxy}butanoic acid'
4 water water
#
loop_
_entity_poly.entity_id
_entity_poly.type
_entity_poly.pdbx_seq_one_letter_code
_entity_poly.pdbx_strand_id
1 'polypeptide(L)'
;GPGSCPTHADSLNNLANIKREQGNIEEAVRLYRKALEVFPEFAAAHSNLASVLQQQGKLQEALMHYKEAIRISPTFADAY
SNMGNTLKEMQDVQGALQCYTRAIQINPAFADAHSNLASIHKDSGNIPEAIASYRTALKLKPDFPDAYCNLAHCLQIVCD
WTDYDERMKKLVSIVADQLEKNRLPSVHPHHSMLYPLSHGFRKAIAERHGNLCLDKINVLHKPPYEHPKDLKLSDGRLRV
GYVSSDFGNHPTSHLMQSIPGMHNPDKFEVFCYALSPDDGTNFRVKVMAEANHFIDLSQIPCNGKAADRIHQDGIHILVN
MNGYTKGARNELFALRPAPIQAMWLGYPGTSGALFMDYIITDQETSPAEVAEQYSEKLAYMPHTFFIGDHANMFPHLKKK
AVIDFKSNGHIYDNRIVLNGIDLKAFLDSLPDVKIVKMKCPDGGDNADSSNTALNMPVIPMNTIAEAVIEMINRGQIQIT
INGFSISNGLATTQINNKAATGEEVPRTIIVTTRSQYGLPEDAIVYCNFNQLYKIDPSTLQMWANILKRVPNSVLWLLRF
PAVGEPNIQQYAQNMGLPQNRIIFSPVAPKEEHVRRGQLADVCLDTPLCNGHTTGMDVLWAGTPMVTMPGETLASRVAAS
QLTCLGCLELIAKNRQEYEDIAVKLGTDLEYLKKVRGKVWKQRISSPLFNTKQYTMELERLYLQMWEHYAAGNKPDHMIK
PVE
;
A
2 'polypeptide(L)' THETGTTNTATTATSN B
#
# COMPACT_ATOMS: atom_id res chain seq x y z
N CYS A 5 30.92 44.29 4.79
CA CYS A 5 31.89 43.27 5.14
C CYS A 5 31.39 41.90 4.75
N PRO A 6 32.26 41.08 4.14
CA PRO A 6 31.82 39.75 3.68
C PRO A 6 31.32 38.86 4.80
N THR A 7 31.88 38.97 6.01
CA THR A 7 31.42 38.13 7.10
C THR A 7 29.95 38.37 7.44
N HIS A 8 29.43 39.56 7.11
CA HIS A 8 28.02 39.84 7.40
C HIS A 8 27.12 38.86 6.66
N ALA A 9 27.17 38.88 5.32
CA ALA A 9 26.33 37.97 4.55
C ALA A 9 26.66 36.51 4.86
N ASP A 10 27.94 36.16 4.94
CA ASP A 10 28.32 34.78 5.26
C ASP A 10 27.76 34.35 6.60
N SER A 11 27.85 35.21 7.62
CA SER A 11 27.36 34.85 8.94
C SER A 11 25.85 34.63 8.94
N LEU A 12 25.10 35.48 8.25
CA LEU A 12 23.66 35.29 8.14
C LEU A 12 23.33 33.97 7.49
N ASN A 13 24.01 33.67 6.38
CA ASN A 13 23.75 32.41 5.65
C ASN A 13 24.06 31.20 6.52
N ASN A 14 25.20 31.22 7.21
CA ASN A 14 25.60 30.06 8.00
C ASN A 14 24.74 29.89 9.24
N LEU A 15 24.36 31.00 9.86
CA LEU A 15 23.42 30.93 10.99
C LEU A 15 22.08 30.37 10.53
N ALA A 16 21.60 30.79 9.37
CA ALA A 16 20.36 30.24 8.84
C ALA A 16 20.46 28.73 8.65
N ASN A 17 21.59 28.25 8.14
CA ASN A 17 21.78 26.81 7.99
C ASN A 17 21.58 26.11 9.33
N ILE A 18 22.13 26.67 10.40
CA ILE A 18 21.97 26.08 11.73
C ILE A 18 20.50 26.07 12.13
N LYS A 19 19.83 27.23 12.01
CA LYS A 19 18.41 27.30 12.31
C LYS A 19 17.63 26.26 11.51
N ARG A 20 18.00 26.08 10.24
CA ARG A 20 17.33 25.07 9.43
C ARG A 20 17.50 23.69 10.03
N GLU A 21 18.74 23.31 10.38
CA GLU A 21 18.98 22.02 11.02
C GLU A 21 18.13 21.85 12.27
N GLN A 22 17.96 22.93 13.04
CA GLN A 22 17.25 22.84 14.31
C GLN A 22 15.74 22.73 14.14
N GLY A 23 15.22 22.88 12.93
CA GLY A 23 13.80 22.91 12.70
C GLY A 23 13.18 24.29 12.74
N ASN A 24 13.97 25.35 12.90
CA ASN A 24 13.46 26.72 12.91
C ASN A 24 13.45 27.26 11.48
N ILE A 25 12.53 26.72 10.68
CA ILE A 25 12.47 27.04 9.25
C ILE A 25 12.11 28.50 9.04
N GLU A 26 11.13 29.02 9.80
CA GLU A 26 10.71 30.41 9.63
C GLU A 26 11.87 31.36 9.88
N GLU A 27 12.61 31.15 10.97
CA GLU A 27 13.78 31.99 11.25
C GLU A 27 14.84 31.83 10.17
N ALA A 28 15.00 30.61 9.65
CA ALA A 28 15.98 30.39 8.58
C ALA A 28 15.64 31.23 7.35
N VAL A 29 14.38 31.18 6.91
CA VAL A 29 13.96 31.99 5.76
C VAL A 29 14.30 33.45 6.00
N ARG A 30 14.00 33.95 7.20
CA ARG A 30 14.28 35.34 7.54
C ARG A 30 15.76 35.67 7.37
N LEU A 31 16.63 34.81 7.90
CA LEU A 31 18.07 35.08 7.83
C LEU A 31 18.58 34.96 6.39
N TYR A 32 18.13 33.95 5.66
CA TYR A 32 18.50 33.85 4.25
C TYR A 32 18.14 35.11 3.49
N ARG A 33 16.92 35.62 3.73
CA ARG A 33 16.47 36.80 3.01
C ARG A 33 17.26 38.03 3.42
N LYS A 34 17.62 38.14 4.70
CA LYS A 34 18.47 39.24 5.13
C LYS A 34 19.85 39.12 4.49
N ALA A 35 20.39 37.90 4.39
CA ALA A 35 21.65 37.71 3.70
C ALA A 35 21.59 38.22 2.26
N LEU A 36 20.46 38.00 1.58
CA LEU A 36 20.31 38.47 0.21
C LEU A 36 20.10 39.98 0.13
N GLU A 37 19.61 40.61 1.21
CA GLU A 37 19.61 42.07 1.26
C GLU A 37 21.03 42.60 1.33
N VAL A 38 21.89 41.97 2.13
CA VAL A 38 23.24 42.47 2.33
C VAL A 38 24.10 42.21 1.09
N PHE A 39 23.87 41.07 0.44
CA PHE A 39 24.72 40.59 -0.65
C PHE A 39 23.80 39.98 -1.70
N PRO A 40 23.27 40.80 -2.61
CA PRO A 40 22.25 40.31 -3.56
C PRO A 40 22.74 39.20 -4.49
N GLU A 41 24.02 39.21 -4.89
CA GLU A 41 24.52 38.17 -5.77
C GLU A 41 25.12 37.00 -5.00
N PHE A 42 24.43 36.55 -3.95
CA PHE A 42 24.92 35.55 -3.02
C PHE A 42 24.35 34.20 -3.46
N ALA A 43 25.12 33.47 -4.27
CA ALA A 43 24.60 32.23 -4.84
C ALA A 43 24.19 31.24 -3.76
N ALA A 44 25.07 31.01 -2.79
CA ALA A 44 24.77 30.07 -1.71
C ALA A 44 23.47 30.43 -1.00
N ALA A 45 23.25 31.73 -0.74
CA ALA A 45 22.04 32.14 -0.04
C ALA A 45 20.79 31.88 -0.89
N HIS A 46 20.87 32.15 -2.20
CA HIS A 46 19.75 31.83 -3.09
C HIS A 46 19.40 30.34 -3.00
N SER A 47 20.41 29.47 -3.08
CA SER A 47 20.16 28.04 -3.10
C SER A 47 19.68 27.55 -1.74
N ASN A 48 20.29 28.04 -0.66
CA ASN A 48 19.83 27.64 0.67
C ASN A 48 18.42 28.12 0.94
N LEU A 49 18.10 29.35 0.53
CA LEU A 49 16.73 29.83 0.68
C LEU A 49 15.77 28.95 -0.10
N ALA A 50 16.10 28.65 -1.35
CA ALA A 50 15.26 27.78 -2.16
C ALA A 50 15.03 26.44 -1.47
N SER A 51 16.02 25.95 -0.74
N SER A 51 16.02 25.94 -0.74
CA SER A 51 15.88 24.66 -0.06
CA SER A 51 15.88 24.65 -0.08
C SER A 51 14.83 24.72 1.04
C SER A 51 14.80 24.72 1.00
N VAL A 52 14.78 25.81 1.81
N VAL A 52 14.77 25.79 1.79
CA VAL A 52 13.77 25.91 2.86
CA VAL A 52 13.77 25.90 2.84
C VAL A 52 12.41 26.24 2.26
C VAL A 52 12.41 26.21 2.25
N LEU A 53 12.36 27.03 1.18
CA LEU A 53 11.10 27.27 0.50
C LEU A 53 10.52 25.96 -0.02
N GLN A 54 11.37 25.10 -0.59
CA GLN A 54 10.91 23.77 -1.00
C GLN A 54 10.31 23.02 0.17
N GLN A 55 10.95 23.08 1.34
CA GLN A 55 10.44 22.42 2.52
C GLN A 55 9.10 22.99 2.97
N GLN A 56 8.82 24.25 2.63
CA GLN A 56 7.55 24.88 2.96
C GLN A 56 6.49 24.70 1.87
N GLY A 57 6.78 23.92 0.83
CA GLY A 57 5.82 23.71 -0.24
C GLY A 57 5.76 24.82 -1.27
N LYS A 58 6.65 25.81 -1.20
CA LYS A 58 6.67 26.90 -2.17
C LYS A 58 7.64 26.53 -3.31
N LEU A 59 7.18 25.59 -4.14
CA LEU A 59 8.08 24.95 -5.09
C LEU A 59 8.48 25.88 -6.23
N GLN A 60 7.53 26.64 -6.78
CA GLN A 60 7.88 27.54 -7.88
C GLN A 60 8.83 28.64 -7.42
N GLU A 61 8.62 29.17 -6.22
CA GLU A 61 9.54 30.17 -5.69
C GLU A 61 10.92 29.56 -5.46
N ALA A 62 10.97 28.30 -5.00
CA ALA A 62 12.25 27.63 -4.84
C ALA A 62 12.99 27.52 -6.17
N LEU A 63 12.31 27.02 -7.21
CA LEU A 63 12.94 26.92 -8.53
C LEU A 63 13.51 28.27 -8.97
N MET A 64 12.78 29.36 -8.74
CA MET A 64 13.27 30.66 -9.17
C MET A 64 14.62 30.96 -8.52
N HIS A 65 14.75 30.66 -7.22
CA HIS A 65 15.99 30.97 -6.53
C HIS A 65 17.10 29.97 -6.86
N TYR A 66 16.77 28.70 -7.13
CA TYR A 66 17.80 27.81 -7.65
C TYR A 66 18.37 28.33 -8.96
N LYS A 67 17.49 28.79 -9.87
CA LYS A 67 17.96 29.30 -11.15
C LYS A 67 18.81 30.56 -10.97
N GLU A 68 18.44 31.44 -10.04
CA GLU A 68 19.27 32.59 -9.73
C GLU A 68 20.66 32.16 -9.27
N ALA A 69 20.71 31.18 -8.36
CA ALA A 69 22.00 30.70 -7.86
C ALA A 69 22.88 30.20 -9.00
N ILE A 70 22.29 29.49 -9.96
CA ILE A 70 23.06 28.93 -11.05
C ILE A 70 23.43 29.99 -12.07
N ARG A 71 22.55 30.98 -12.28
CA ARG A 71 22.92 32.13 -13.09
C ARG A 71 24.16 32.81 -12.52
N ILE A 72 24.22 32.96 -11.21
CA ILE A 72 25.37 33.59 -10.58
C ILE A 72 26.59 32.69 -10.68
N SER A 73 26.42 31.38 -10.45
CA SER A 73 27.53 30.43 -10.38
C SER A 73 27.17 29.21 -11.22
N PRO A 74 27.55 29.20 -12.50
CA PRO A 74 27.12 28.12 -13.39
C PRO A 74 27.60 26.73 -12.99
N THR A 75 28.66 26.60 -12.20
CA THR A 75 29.14 25.28 -11.79
C THR A 75 28.80 24.99 -10.32
N PHE A 76 27.66 25.50 -9.85
CA PHE A 76 27.23 25.36 -8.46
C PHE A 76 26.49 24.02 -8.34
N ALA A 77 27.23 22.97 -7.99
CA ALA A 77 26.65 21.63 -8.01
C ALA A 77 25.54 21.47 -6.97
N ASP A 78 25.74 22.03 -5.77
CA ASP A 78 24.69 21.97 -4.75
C ASP A 78 23.35 22.45 -5.29
N ALA A 79 23.35 23.56 -6.03
CA ALA A 79 22.08 24.10 -6.52
C ALA A 79 21.42 23.15 -7.53
N TYR A 80 22.21 22.55 -8.42
CA TYR A 80 21.64 21.60 -9.37
C TYR A 80 21.02 20.40 -8.66
N SER A 81 21.72 19.85 -7.67
CA SER A 81 21.18 18.71 -6.94
C SER A 81 19.94 19.09 -6.15
N ASN A 82 19.97 20.23 -5.47
CA ASN A 82 18.78 20.68 -4.74
C ASN A 82 17.62 20.94 -5.69
N MET A 83 17.89 21.57 -6.84
CA MET A 83 16.83 21.81 -7.81
C MET A 83 16.24 20.48 -8.29
N GLY A 84 17.08 19.47 -8.49
CA GLY A 84 16.57 18.16 -8.86
C GLY A 84 15.54 17.64 -7.87
N ASN A 85 15.85 17.76 -6.57
CA ASN A 85 14.91 17.30 -5.55
C ASN A 85 13.57 18.00 -5.68
N THR A 86 13.59 19.29 -6.04
CA THR A 86 12.34 20.03 -6.18
C THR A 86 11.58 19.60 -7.42
N LEU A 87 12.28 19.41 -8.54
CA LEU A 87 11.62 18.92 -9.75
C LEU A 87 11.05 17.52 -9.53
N LYS A 88 11.79 16.66 -8.81
CA LYS A 88 11.26 15.34 -8.50
C LYS A 88 9.95 15.45 -7.75
N GLU A 89 9.90 16.32 -6.74
CA GLU A 89 8.66 16.50 -5.98
C GLU A 89 7.54 17.01 -6.86
N MET A 90 7.86 17.77 -7.91
CA MET A 90 6.83 18.24 -8.84
C MET A 90 6.47 17.21 -9.89
N GLN A 91 7.01 16.00 -9.81
CA GLN A 91 6.74 14.89 -10.73
C GLN A 91 7.47 15.07 -12.05
N ASP A 92 8.44 15.98 -12.14
CA ASP A 92 9.22 16.18 -13.36
C ASP A 92 10.47 15.32 -13.27
N VAL A 93 10.29 14.03 -13.56
CA VAL A 93 11.37 13.07 -13.36
C VAL A 93 12.52 13.33 -14.33
N GLN A 94 12.20 13.64 -15.58
CA GLN A 94 13.27 13.95 -16.55
C GLN A 94 14.05 15.18 -16.12
N GLY A 95 13.35 16.25 -15.71
CA GLY A 95 14.04 17.43 -15.20
C GLY A 95 14.93 17.10 -14.01
N ALA A 96 14.44 16.30 -13.07
CA ALA A 96 15.25 15.90 -11.93
C ALA A 96 16.52 15.17 -12.39
N LEU A 97 16.37 14.22 -13.31
CA LEU A 97 17.51 13.45 -13.79
C LEU A 97 18.55 14.35 -14.45
N GLN A 98 18.10 15.33 -15.23
CA GLN A 98 19.04 16.21 -15.90
C GLN A 98 19.81 17.06 -14.90
N CYS A 99 19.15 17.49 -13.82
CA CYS A 99 19.84 18.23 -12.76
C CYS A 99 20.86 17.36 -12.04
N TYR A 100 20.45 16.14 -11.63
CA TYR A 100 21.38 15.27 -10.91
C TYR A 100 22.59 14.92 -11.76
N THR A 101 22.38 14.60 -13.04
CA THR A 101 23.50 14.23 -13.88
C THR A 101 24.42 15.41 -14.13
N ARG A 102 23.85 16.62 -14.19
CA ARG A 102 24.68 17.81 -14.29
C ARG A 102 25.49 18.01 -13.01
N ALA A 103 24.87 17.77 -11.84
CA ALA A 103 25.60 17.95 -10.59
C ALA A 103 26.76 16.97 -10.50
N ILE A 104 26.52 15.72 -10.85
CA ILE A 104 27.56 14.69 -10.79
C ILE A 104 28.64 14.95 -11.83
N GLN A 105 28.25 15.50 -12.98
CA GLN A 105 29.24 15.89 -13.98
C GLN A 105 30.15 16.98 -13.46
N ILE A 106 29.59 17.96 -12.75
CA ILE A 106 30.42 19.02 -12.17
C ILE A 106 31.32 18.45 -11.09
N ASN A 107 30.78 17.61 -10.21
CA ASN A 107 31.51 17.11 -9.06
C ASN A 107 31.21 15.62 -8.90
N PRO A 108 32.05 14.76 -9.48
CA PRO A 108 31.83 13.31 -9.36
C PRO A 108 31.91 12.80 -7.94
N ALA A 109 32.50 13.56 -7.02
CA ALA A 109 32.60 13.14 -5.63
C ALA A 109 31.45 13.68 -4.77
N PHE A 110 30.37 14.14 -5.40
CA PHE A 110 29.23 14.76 -4.71
C PHE A 110 28.28 13.67 -4.23
N ALA A 111 28.44 13.27 -2.96
CA ALA A 111 27.70 12.12 -2.43
C ALA A 111 26.19 12.34 -2.46
N ASP A 112 25.74 13.52 -2.02
CA ASP A 112 24.30 13.79 -1.98
C ASP A 112 23.67 13.61 -3.35
N ALA A 113 24.34 14.07 -4.41
CA ALA A 113 23.77 13.96 -5.74
C ALA A 113 23.66 12.50 -6.16
N HIS A 114 24.66 11.69 -5.83
CA HIS A 114 24.61 10.26 -6.13
C HIS A 114 23.43 9.59 -5.43
N SER A 115 23.19 9.96 -4.17
CA SER A 115 22.07 9.40 -3.42
C SER A 115 20.74 9.86 -3.99
N ASN A 116 20.65 11.13 -4.41
CA ASN A 116 19.39 11.62 -4.97
C ASN A 116 19.10 10.97 -6.33
N LEU A 117 20.12 10.83 -7.17
CA LEU A 117 19.97 10.08 -8.40
C LEU A 117 19.47 8.67 -8.12
N ALA A 118 20.08 8.00 -7.14
CA ALA A 118 19.67 6.66 -6.77
C ALA A 118 18.17 6.60 -6.46
N SER A 119 17.63 7.67 -5.86
CA SER A 119 16.21 7.66 -5.51
C SER A 119 15.34 7.66 -6.76
N ILE A 120 15.80 8.28 -7.85
CA ILE A 120 15.07 8.19 -9.11
C ILE A 120 15.07 6.76 -9.64
N HIS A 121 16.25 6.13 -9.67
CA HIS A 121 16.32 4.74 -10.12
C HIS A 121 15.43 3.86 -9.26
N LYS A 122 15.45 4.05 -7.94
CA LYS A 122 14.62 3.24 -7.06
C LYS A 122 13.16 3.37 -7.42
N ASP A 123 12.69 4.61 -7.61
CA ASP A 123 11.29 4.84 -7.93
C ASP A 123 10.93 4.43 -9.35
N SER A 124 11.92 4.28 -10.23
CA SER A 124 11.65 3.93 -11.61
C SER A 124 11.60 2.43 -11.84
N GLY A 125 11.89 1.63 -10.82
CA GLY A 125 11.97 0.19 -10.97
C GLY A 125 13.34 -0.33 -11.35
N ASN A 126 14.36 0.52 -11.37
CA ASN A 126 15.71 0.10 -11.70
C ASN A 126 16.51 -0.08 -10.42
N ILE A 127 16.15 -1.14 -9.69
CA ILE A 127 16.76 -1.37 -8.38
C ILE A 127 18.25 -1.61 -8.49
N PRO A 128 18.76 -2.34 -9.48
CA PRO A 128 20.22 -2.52 -9.56
C PRO A 128 20.98 -1.21 -9.70
N GLU A 129 20.48 -0.27 -10.50
CA GLU A 129 21.19 1.00 -10.63
C GLU A 129 21.04 1.84 -9.37
N ALA A 130 19.89 1.77 -8.70
CA ALA A 130 19.73 2.46 -7.42
C ALA A 130 20.74 1.96 -6.41
N ILE A 131 20.88 0.63 -6.29
CA ILE A 131 21.84 0.06 -5.36
C ILE A 131 23.24 0.57 -5.67
N ALA A 132 23.61 0.58 -6.96
CA ALA A 132 24.95 1.03 -7.32
C ALA A 132 25.18 2.49 -6.93
N SER A 133 24.19 3.35 -7.15
CA SER A 133 24.37 4.77 -6.86
C SER A 133 24.39 5.04 -5.36
N TYR A 134 23.53 4.36 -4.59
CA TYR A 134 23.58 4.49 -3.15
C TYR A 134 24.93 4.03 -2.59
N ARG A 135 25.50 2.98 -3.17
CA ARG A 135 26.80 2.50 -2.71
C ARG A 135 27.91 3.47 -3.05
N THR A 136 27.83 4.13 -4.20
CA THR A 136 28.77 5.21 -4.49
C THR A 136 28.62 6.34 -3.48
N ALA A 137 27.39 6.71 -3.16
CA ALA A 137 27.14 7.75 -2.16
C ALA A 137 27.79 7.39 -0.83
N LEU A 138 27.56 6.16 -0.35
CA LEU A 138 28.10 5.74 0.95
C LEU A 138 29.61 5.58 0.89
N LYS A 139 30.16 5.27 -0.28
CA LYS A 139 31.61 5.26 -0.45
C LYS A 139 32.18 6.66 -0.28
N LEU A 140 31.51 7.67 -0.83
CA LEU A 140 32.01 9.04 -0.74
C LEU A 140 31.72 9.64 0.63
N LYS A 141 30.59 9.28 1.24
CA LYS A 141 30.16 9.83 2.52
C LYS A 141 29.67 8.68 3.38
N PRO A 142 30.59 7.99 4.07
CA PRO A 142 30.20 6.77 4.79
C PRO A 142 29.16 6.99 5.87
N ASP A 143 29.07 8.20 6.43
CA ASP A 143 28.03 8.51 7.41
C ASP A 143 26.93 9.28 6.66
N PHE A 144 25.96 8.54 6.13
CA PHE A 144 24.93 9.11 5.26
C PHE A 144 23.62 8.36 5.51
N PRO A 145 22.84 8.80 6.52
CA PRO A 145 21.65 8.02 6.90
C PRO A 145 20.62 7.86 5.80
N ASP A 146 20.33 8.92 5.02
CA ASP A 146 19.36 8.77 3.94
C ASP A 146 19.78 7.69 2.95
N ALA A 147 21.05 7.71 2.55
CA ALA A 147 21.53 6.75 1.57
C ALA A 147 21.53 5.33 2.15
N TYR A 148 21.96 5.18 3.40
CA TYR A 148 22.00 3.85 4.00
C TYR A 148 20.60 3.26 4.11
N CYS A 149 19.65 4.05 4.62
CA CYS A 149 18.32 3.51 4.86
C CYS A 149 17.59 3.24 3.55
N ASN A 150 17.76 4.10 2.55
CA ASN A 150 17.13 3.82 1.27
C ASN A 150 17.83 2.67 0.55
N LEU A 151 19.14 2.52 0.74
CA LEU A 151 19.81 1.32 0.26
C LEU A 151 19.23 0.08 0.95
N ALA A 152 19.03 0.15 2.26
CA ALA A 152 18.48 -0.97 3.00
C ALA A 152 17.12 -1.38 2.44
N HIS A 153 16.32 -0.42 2.00
CA HIS A 153 15.02 -0.74 1.44
C HIS A 153 15.15 -1.35 0.04
N CYS A 154 16.10 -0.86 -0.76
CA CYS A 154 16.41 -1.50 -2.03
C CYS A 154 16.72 -2.98 -1.81
N LEU A 155 17.59 -3.27 -0.85
CA LEU A 155 17.99 -4.64 -0.59
C LEU A 155 16.81 -5.46 -0.07
N GLN A 156 15.93 -4.83 0.72
CA GLN A 156 14.69 -5.49 1.12
C GLN A 156 13.84 -5.84 -0.11
N ILE A 157 13.74 -4.92 -1.07
CA ILE A 157 12.87 -5.11 -2.23
C ILE A 157 13.28 -6.35 -3.02
N VAL A 158 14.59 -6.57 -3.18
CA VAL A 158 15.08 -7.68 -4.00
C VAL A 158 15.46 -8.89 -3.15
N CYS A 159 15.18 -8.85 -1.84
CA CYS A 159 15.48 -9.96 -0.94
C CYS A 159 16.96 -10.29 -0.92
N ASP A 160 17.79 -9.26 -1.00
CA ASP A 160 19.21 -9.41 -0.71
C ASP A 160 19.37 -9.35 0.80
N TRP A 161 19.67 -10.49 1.41
CA TRP A 161 19.80 -10.57 2.86
C TRP A 161 21.25 -10.68 3.32
N THR A 162 22.19 -10.29 2.46
CA THR A 162 23.60 -10.25 2.83
C THR A 162 23.78 -9.39 4.09
N ASP A 163 24.31 -9.99 5.15
CA ASP A 163 24.57 -9.27 6.40
C ASP A 163 23.30 -8.61 6.91
N TYR A 164 22.18 -9.30 6.76
CA TYR A 164 20.89 -8.73 7.15
C TYR A 164 20.86 -8.37 8.63
N ASP A 165 21.47 -9.22 9.48
CA ASP A 165 21.46 -8.93 10.91
C ASP A 165 22.18 -7.61 11.22
N GLU A 166 23.36 -7.40 10.63
CA GLU A 166 24.08 -6.15 10.84
C GLU A 166 23.31 -4.96 10.27
N ARG A 167 22.63 -5.17 9.14
CA ARG A 167 21.85 -4.09 8.53
C ARG A 167 20.76 -3.61 9.47
N MET A 168 20.02 -4.53 10.08
CA MET A 168 18.97 -4.15 11.02
C MET A 168 19.55 -3.42 12.23
N LYS A 169 20.69 -3.88 12.74
CA LYS A 169 21.34 -3.19 13.85
C LYS A 169 21.64 -1.74 13.50
N LYS A 170 22.21 -1.51 12.32
CA LYS A 170 22.58 -0.15 11.94
C LYS A 170 21.34 0.71 11.68
N LEU A 171 20.31 0.13 11.05
CA LEU A 171 19.07 0.88 10.84
C LEU A 171 18.49 1.37 12.15
N VAL A 172 18.38 0.49 13.14
CA VAL A 172 17.83 0.88 14.43
C VAL A 172 18.72 1.92 15.09
N SER A 173 20.03 1.76 14.95
CA SER A 173 20.97 2.72 15.52
C SER A 173 20.81 4.09 14.88
N ILE A 174 20.67 4.13 13.56
CA ILE A 174 20.50 5.40 12.86
C ILE A 174 19.22 6.08 13.32
N VAL A 175 18.11 5.35 13.39
CA VAL A 175 16.85 5.94 13.81
C VAL A 175 16.97 6.46 15.24
N ALA A 176 17.56 5.67 16.13
CA ALA A 176 17.74 6.10 17.51
C ALA A 176 18.54 7.40 17.58
N ASP A 177 19.61 7.49 16.80
CA ASP A 177 20.44 8.70 16.82
C ASP A 177 19.66 9.90 16.29
N GLN A 178 18.90 9.71 15.22
CA GLN A 178 18.13 10.82 14.65
C GLN A 178 17.01 11.25 15.57
N LEU A 179 16.29 10.30 16.18
CA LEU A 179 15.24 10.67 17.12
C LEU A 179 15.81 11.38 18.34
N GLU A 180 16.99 10.97 18.80
CA GLU A 180 17.59 11.62 19.95
C GLU A 180 18.03 13.05 19.61
N LYS A 181 18.55 13.24 18.40
CA LYS A 181 19.02 14.55 17.96
C LYS A 181 17.92 15.39 17.33
N ASN A 182 16.66 14.99 17.49
CA ASN A 182 15.52 15.75 17.00
C ASN A 182 15.66 16.04 15.50
N ARG A 183 15.81 14.97 14.73
CA ARG A 183 15.91 15.04 13.28
C ARG A 183 14.82 14.17 12.66
N LEU A 184 14.52 14.45 11.40
CA LEU A 184 13.59 13.61 10.65
C LEU A 184 14.23 12.27 10.37
N PRO A 185 13.67 11.16 10.85
CA PRO A 185 14.30 9.85 10.62
C PRO A 185 14.36 9.51 9.14
N SER A 186 15.44 8.85 8.73
CA SER A 186 15.62 8.47 7.33
C SER A 186 14.81 7.24 6.95
N VAL A 187 14.15 6.60 7.90
CA VAL A 187 13.25 5.49 7.61
C VAL A 187 11.84 6.05 7.43
N HIS A 188 11.23 5.72 6.31
CA HIS A 188 9.87 6.19 6.03
C HIS A 188 8.87 5.47 6.95
N PRO A 189 7.81 6.15 7.39
CA PRO A 189 6.86 5.50 8.29
C PRO A 189 6.26 4.23 7.71
N HIS A 190 5.94 4.22 6.42
CA HIS A 190 5.36 3.04 5.80
C HIS A 190 6.32 1.87 5.80
N HIS A 191 7.64 2.15 5.83
CA HIS A 191 8.65 1.11 5.84
C HIS A 191 9.03 0.65 7.24
N SER A 192 8.73 1.45 8.26
CA SER A 192 9.16 1.13 9.62
C SER A 192 8.58 -0.18 10.11
N MET A 193 7.43 -0.58 9.58
CA MET A 193 6.82 -1.85 9.97
C MET A 193 7.66 -3.05 9.59
N LEU A 194 8.61 -2.87 8.68
CA LEU A 194 9.42 -3.97 8.16
C LEU A 194 10.68 -4.24 8.97
N TYR A 195 11.02 -3.37 9.91
CA TYR A 195 12.29 -3.44 10.63
C TYR A 195 12.03 -3.63 12.12
N PRO A 196 12.99 -4.25 12.85
CA PRO A 196 12.78 -4.53 14.28
C PRO A 196 12.96 -3.30 15.17
N LEU A 197 12.16 -2.28 14.90
CA LEU A 197 12.13 -1.07 15.71
C LEU A 197 11.06 -1.18 16.79
N SER A 198 11.26 -0.49 17.90
CA SER A 198 10.26 -0.46 18.94
C SER A 198 9.00 0.26 18.44
N HIS A 199 7.88 0.00 19.11
CA HIS A 199 6.64 0.71 18.77
C HIS A 199 6.79 2.20 19.00
N GLY A 200 7.53 2.59 20.04
CA GLY A 200 7.80 4.00 20.28
C GLY A 200 8.53 4.64 19.12
N PHE A 201 9.56 3.96 18.60
CA PHE A 201 10.29 4.50 17.46
C PHE A 201 9.39 4.63 16.24
N ARG A 202 8.56 3.62 15.97
CA ARG A 202 7.68 3.69 14.80
C ARG A 202 6.67 4.83 14.94
N LYS A 203 6.08 5.00 16.13
CA LYS A 203 5.16 6.12 16.31
C LYS A 203 5.89 7.46 16.20
N ALA A 204 7.12 7.54 16.71
CA ALA A 204 7.87 8.79 16.61
C ALA A 204 8.26 9.09 15.18
N ILE A 205 8.62 8.07 14.40
CA ILE A 205 8.86 8.25 12.98
C ILE A 205 7.63 8.87 12.32
N ALA A 206 6.45 8.32 12.61
CA ALA A 206 5.22 8.83 12.02
C ALA A 206 4.97 10.28 12.44
N GLU A 207 5.11 10.57 13.74
CA GLU A 207 4.89 11.92 14.23
C GLU A 207 5.77 12.93 13.49
N ARG A 208 7.03 12.56 13.23
CA ARG A 208 7.95 13.52 12.64
C ARG A 208 7.70 13.70 11.14
N HIS A 209 7.19 12.66 10.46
CA HIS A 209 6.76 12.87 9.08
C HIS A 209 5.48 13.70 9.03
N GLY A 210 4.56 13.48 9.97
CA GLY A 210 3.40 14.34 10.05
C GLY A 210 3.75 15.79 10.30
N ASN A 211 4.84 16.03 11.05
CA ASN A 211 5.25 17.40 11.32
C ASN A 211 5.68 18.11 10.04
N LEU A 212 6.14 17.36 9.04
CA LEU A 212 6.48 17.99 7.76
C LEU A 212 5.28 18.75 7.20
N CYS A 213 4.08 18.24 7.43
CA CYS A 213 2.88 18.90 6.91
C CYS A 213 2.65 20.23 7.60
N LEU A 214 3.00 20.32 8.87
CA LEU A 214 2.81 21.56 9.61
C LEU A 214 3.66 22.68 9.00
N ASP A 215 4.89 22.36 8.59
CA ASP A 215 5.74 23.35 7.96
C ASP A 215 5.09 23.93 6.70
N LYS A 216 4.27 23.13 6.02
CA LYS A 216 3.64 23.54 4.77
C LYS A 216 2.33 24.29 4.96
N ILE A 217 1.66 24.14 6.11
CA ILE A 217 0.42 24.86 6.34
C ILE A 217 0.68 26.11 7.15
N ASN A 218 1.73 26.10 7.98
CA ASN A 218 2.03 27.26 8.80
C ASN A 218 2.24 28.50 7.96
N VAL A 219 2.81 28.35 6.76
CA VAL A 219 3.02 29.49 5.87
C VAL A 219 1.72 30.07 5.35
N LEU A 220 0.60 29.36 5.51
CA LEU A 220 -0.70 29.88 5.09
C LEU A 220 -1.31 30.83 6.12
N HIS A 221 -0.82 30.80 7.35
CA HIS A 221 -1.32 31.67 8.42
C HIS A 221 -2.85 31.69 8.45
N LYS A 222 -3.42 30.51 8.39
CA LYS A 222 -4.87 30.38 8.48
C LYS A 222 -5.28 30.18 9.94
N PRO A 223 -6.40 30.77 10.35
CA PRO A 223 -6.87 30.60 11.73
C PRO A 223 -7.61 29.29 11.89
N PRO A 224 -7.94 28.91 13.12
CA PRO A 224 -8.74 27.69 13.32
C PRO A 224 -10.13 27.86 12.73
N TYR A 225 -10.66 26.76 12.21
CA TYR A 225 -12.00 26.76 11.65
C TYR A 225 -13.04 26.63 12.76
N GLU A 226 -14.21 27.20 12.53
CA GLU A 226 -15.37 27.00 13.38
C GLU A 226 -16.11 25.76 12.93
N HIS A 227 -16.33 24.82 13.86
CA HIS A 227 -16.91 23.57 13.41
C HIS A 227 -18.38 23.47 13.78
N PRO A 228 -19.17 22.73 13.00
CA PRO A 228 -20.57 22.54 13.35
C PRO A 228 -20.69 21.80 14.68
N LYS A 229 -21.73 22.12 15.44
CA LYS A 229 -22.00 21.45 16.70
C LYS A 229 -23.38 20.79 16.72
N ASP A 230 -24.03 20.66 15.57
CA ASP A 230 -25.32 19.98 15.47
C ASP A 230 -25.52 19.56 14.03
N LEU A 231 -26.66 18.94 13.76
CA LEU A 231 -27.01 18.49 12.41
C LEU A 231 -28.14 19.31 11.80
N LYS A 232 -28.41 20.50 12.35
CA LYS A 232 -29.53 21.30 11.87
C LYS A 232 -29.30 21.78 10.44
N LEU A 233 -28.12 22.33 10.16
CA LEU A 233 -27.83 22.82 8.82
C LEU A 233 -27.84 21.71 7.78
N SER A 234 -27.69 20.45 8.20
CA SER A 234 -27.68 19.32 7.29
C SER A 234 -28.96 18.50 7.38
N ASP A 235 -30.05 19.09 7.90
CA ASP A 235 -31.34 18.42 7.98
C ASP A 235 -31.24 17.10 8.74
N GLY A 236 -30.50 17.12 9.84
CA GLY A 236 -30.33 15.94 10.67
C GLY A 236 -29.33 14.92 10.16
N ARG A 237 -28.76 15.13 8.97
CA ARG A 237 -27.85 14.18 8.38
C ARG A 237 -26.41 14.46 8.82
N LEU A 238 -25.68 13.40 9.15
CA LEU A 238 -24.27 13.53 9.46
C LEU A 238 -23.47 13.60 8.17
N ARG A 239 -22.65 14.62 8.02
CA ARG A 239 -21.90 14.85 6.79
C ARG A 239 -20.53 14.21 6.91
N VAL A 240 -20.29 13.16 6.14
CA VAL A 240 -19.03 12.42 6.14
C VAL A 240 -18.29 12.70 4.84
N GLY A 241 -17.02 13.09 4.96
CA GLY A 241 -16.19 13.29 3.79
C GLY A 241 -15.04 12.29 3.70
N TYR A 242 -14.95 11.59 2.58
CA TYR A 242 -13.85 10.65 2.32
C TYR A 242 -12.81 11.31 1.44
N VAL A 243 -11.58 11.40 1.92
CA VAL A 243 -10.49 12.06 1.21
C VAL A 243 -9.50 10.99 0.75
N SER A 244 -9.27 10.91 -0.56
CA SER A 244 -8.39 9.87 -1.08
C SER A 244 -7.82 10.30 -2.42
N SER A 245 -6.56 9.94 -2.65
CA SER A 245 -5.96 10.06 -3.98
C SER A 245 -6.27 8.85 -4.85
N ASP A 246 -7.07 7.90 -4.36
CA ASP A 246 -7.13 6.57 -4.95
C ASP A 246 -8.54 6.20 -5.42
N PHE A 247 -9.37 7.20 -5.71
CA PHE A 247 -10.65 6.97 -6.39
C PHE A 247 -10.32 6.73 -7.86
N GLY A 248 -10.13 5.47 -8.21
CA GLY A 248 -9.66 5.08 -9.52
C GLY A 248 -9.19 3.64 -9.50
N ASN A 249 -8.36 3.29 -10.47
CA ASN A 249 -7.83 1.92 -10.54
C ASN A 249 -6.70 1.78 -9.52
N HIS A 250 -7.09 1.52 -8.28
CA HIS A 250 -6.16 1.43 -7.16
C HIS A 250 -6.77 0.51 -6.13
N PRO A 251 -5.96 -0.30 -5.42
CA PRO A 251 -6.53 -1.25 -4.45
C PRO A 251 -7.59 -0.66 -3.53
N THR A 252 -7.40 0.58 -3.08
CA THR A 252 -8.34 1.18 -2.16
C THR A 252 -9.75 1.20 -2.73
N SER A 253 -9.89 1.57 -4.01
CA SER A 253 -11.21 1.52 -4.64
C SER A 253 -11.70 0.08 -4.80
N HIS A 254 -10.78 -0.84 -5.08
CA HIS A 254 -11.17 -2.25 -5.17
C HIS A 254 -11.72 -2.76 -3.84
N LEU A 255 -11.42 -2.08 -2.74
CA LEU A 255 -11.92 -2.49 -1.44
C LEU A 255 -13.24 -1.81 -1.09
N MET A 256 -13.34 -0.49 -1.24
CA MET A 256 -14.45 0.27 -0.67
C MET A 256 -15.29 1.04 -1.68
N GLN A 257 -15.11 0.81 -2.98
CA GLN A 257 -15.85 1.61 -3.96
C GLN A 257 -17.35 1.53 -3.75
N SER A 258 -17.87 0.46 -3.16
CA SER A 258 -19.31 0.32 -2.96
C SER A 258 -19.84 1.12 -1.77
N ILE A 259 -18.97 1.55 -0.86
CA ILE A 259 -19.42 2.04 0.44
C ILE A 259 -20.07 3.41 0.34
N PRO A 260 -19.53 4.36 -0.43
CA PRO A 260 -20.21 5.66 -0.54
C PRO A 260 -21.67 5.54 -0.97
N GLY A 261 -21.97 4.69 -1.95
CA GLY A 261 -23.33 4.53 -2.42
C GLY A 261 -24.23 3.73 -1.50
N MET A 262 -23.67 3.03 -0.53
CA MET A 262 -24.47 2.23 0.39
C MET A 262 -24.82 2.96 1.67
N HIS A 263 -24.20 4.11 1.94
CA HIS A 263 -24.61 4.92 3.07
C HIS A 263 -26.10 5.23 2.98
N ASN A 264 -26.74 5.29 4.15
CA ASN A 264 -28.16 5.59 4.25
C ASN A 264 -28.40 7.07 4.05
N PRO A 265 -29.00 7.46 2.91
CA PRO A 265 -29.17 8.90 2.63
C PRO A 265 -30.09 9.60 3.61
N ASP A 266 -30.89 8.86 4.37
CA ASP A 266 -31.78 9.48 5.35
C ASP A 266 -31.03 9.97 6.58
N LYS A 267 -29.84 9.45 6.85
CA LYS A 267 -29.06 9.85 8.01
C LYS A 267 -27.66 10.33 7.69
N PHE A 268 -27.20 10.23 6.45
CA PHE A 268 -25.84 10.56 6.09
C PHE A 268 -25.80 11.28 4.75
N GLU A 269 -24.92 12.26 4.65
CA GLU A 269 -24.62 12.94 3.40
C GLU A 269 -23.14 12.72 3.12
N VAL A 270 -22.84 12.07 2.01
CA VAL A 270 -21.50 11.58 1.72
C VAL A 270 -20.82 12.50 0.73
N PHE A 271 -19.64 13.00 1.10
CA PHE A 271 -18.79 13.83 0.25
C PHE A 271 -17.52 13.06 0.00
N CYS A 272 -17.16 12.86 -1.26
CA CYS A 272 -15.91 12.22 -1.63
C CYS A 272 -14.99 13.28 -2.23
N TYR A 273 -13.83 13.49 -1.59
CA TYR A 273 -12.85 14.47 -2.04
C TYR A 273 -11.69 13.73 -2.70
N ALA A 274 -11.61 13.81 -4.02
CA ALA A 274 -10.55 13.15 -4.76
C ALA A 274 -9.30 14.02 -4.78
N LEU A 275 -8.17 13.44 -4.39
CA LEU A 275 -6.89 14.10 -4.51
C LEU A 275 -6.20 13.83 -5.84
N SER A 276 -6.83 13.05 -6.72
CA SER A 276 -6.27 12.67 -8.01
C SER A 276 -7.23 13.05 -9.13
N PRO A 277 -6.71 13.32 -10.33
CA PRO A 277 -7.60 13.55 -11.48
C PRO A 277 -8.27 12.25 -11.92
N ASP A 278 -9.30 12.41 -12.75
CA ASP A 278 -10.10 11.29 -13.22
C ASP A 278 -9.27 10.42 -14.17
N ASP A 279 -9.00 9.18 -13.76
CA ASP A 279 -8.22 8.27 -14.59
C ASP A 279 -9.06 7.54 -15.63
N GLY A 280 -10.34 7.87 -15.75
CA GLY A 280 -11.19 7.31 -16.79
C GLY A 280 -11.71 5.91 -16.54
N THR A 281 -11.43 5.33 -15.38
CA THR A 281 -11.85 3.95 -15.13
C THR A 281 -13.25 3.92 -14.53
N ASN A 282 -13.88 2.73 -14.60
CA ASN A 282 -15.20 2.54 -14.01
C ASN A 282 -15.17 2.77 -12.50
N PHE A 283 -14.04 2.53 -11.85
CA PHE A 283 -13.94 2.77 -10.42
C PHE A 283 -14.23 4.23 -10.10
N ARG A 284 -13.61 5.14 -10.84
CA ARG A 284 -13.86 6.57 -10.65
C ARG A 284 -15.29 6.92 -11.03
N VAL A 285 -15.78 6.35 -12.13
CA VAL A 285 -17.16 6.61 -12.55
C VAL A 285 -18.14 6.23 -11.45
N LYS A 286 -17.93 5.08 -10.82
CA LYS A 286 -18.88 4.59 -9.83
C LYS A 286 -18.97 5.50 -8.62
N VAL A 287 -17.82 5.88 -8.05
CA VAL A 287 -17.84 6.71 -6.86
C VAL A 287 -18.40 8.09 -7.16
N MET A 288 -18.01 8.66 -8.31
CA MET A 288 -18.55 9.95 -8.70
C MET A 288 -20.07 9.91 -8.84
N ALA A 289 -20.62 8.78 -9.27
CA ALA A 289 -22.06 8.71 -9.49
C ALA A 289 -22.83 8.37 -8.22
N GLU A 290 -22.23 7.61 -7.31
CA GLU A 290 -22.95 7.10 -6.16
C GLU A 290 -22.79 7.94 -4.91
N ALA A 291 -21.73 8.73 -4.81
CA ALA A 291 -21.60 9.68 -3.72
C ALA A 291 -22.64 10.78 -3.86
N ASN A 292 -23.12 11.29 -2.72
CA ASN A 292 -24.02 12.44 -2.77
C ASN A 292 -23.33 13.64 -3.40
N HIS A 293 -22.05 13.84 -3.09
CA HIS A 293 -21.25 14.91 -3.67
C HIS A 293 -19.86 14.39 -3.96
N PHE A 294 -19.27 14.81 -5.08
CA PHE A 294 -17.92 14.42 -5.45
C PHE A 294 -17.15 15.69 -5.82
N ILE A 295 -16.05 15.91 -5.12
CA ILE A 295 -15.25 17.14 -5.26
C ILE A 295 -13.86 16.76 -5.74
N ASP A 296 -13.45 17.30 -6.88
CA ASP A 296 -12.13 17.01 -7.44
C ASP A 296 -11.14 18.04 -6.91
N LEU A 297 -10.48 17.69 -5.80
CA LEU A 297 -9.50 18.59 -5.19
C LEU A 297 -8.19 18.64 -5.97
N SER A 298 -7.97 17.71 -6.90
CA SER A 298 -6.81 17.82 -7.77
C SER A 298 -6.83 19.12 -8.56
N GLN A 299 -8.01 19.73 -8.73
CA GLN A 299 -8.12 21.03 -9.36
C GLN A 299 -7.86 22.19 -8.40
N ILE A 300 -7.69 21.91 -7.11
CA ILE A 300 -7.43 22.94 -6.12
C ILE A 300 -6.12 22.63 -5.42
N PRO A 301 -4.98 22.92 -6.03
CA PRO A 301 -3.69 22.47 -5.46
C PRO A 301 -3.32 23.17 -4.16
N CYS A 302 -3.81 24.38 -3.89
CA CYS A 302 -3.52 25.03 -2.62
C CYS A 302 -4.27 24.34 -1.49
N ASN A 303 -3.54 23.90 -0.47
CA ASN A 303 -4.19 23.19 0.63
C ASN A 303 -5.06 24.11 1.46
N GLY A 304 -4.73 25.40 1.51
CA GLY A 304 -5.58 26.35 2.21
C GLY A 304 -6.93 26.50 1.52
N LYS A 305 -6.93 26.64 0.20
CA LYS A 305 -8.18 26.73 -0.54
C LYS A 305 -8.94 25.41 -0.51
N ALA A 306 -8.21 24.29 -0.60
CA ALA A 306 -8.86 22.99 -0.56
C ALA A 306 -9.54 22.74 0.78
N ALA A 307 -8.84 23.05 1.88
CA ALA A 307 -9.45 22.90 3.20
C ALA A 307 -10.66 23.81 3.36
N ASP A 308 -10.55 25.06 2.89
CA ASP A 308 -11.71 25.95 2.89
C ASP A 308 -12.92 25.28 2.24
N ARG A 309 -12.70 24.60 1.11
CA ARG A 309 -13.79 23.93 0.42
C ARG A 309 -14.41 22.83 1.30
N ILE A 310 -13.58 22.01 1.93
CA ILE A 310 -14.07 20.99 2.84
C ILE A 310 -14.91 21.64 3.94
N HIS A 311 -14.37 22.71 4.55
CA HIS A 311 -15.07 23.35 5.66
C HIS A 311 -16.38 23.98 5.19
N GLN A 312 -16.40 24.53 3.97
CA GLN A 312 -17.61 25.13 3.46
C GLN A 312 -18.71 24.11 3.21
N ASP A 313 -18.35 22.84 2.98
CA ASP A 313 -19.35 21.79 2.85
C ASP A 313 -19.92 21.35 4.19
N GLY A 314 -19.37 21.81 5.31
CA GLY A 314 -19.90 21.47 6.61
C GLY A 314 -19.61 20.06 7.08
N ILE A 315 -18.45 19.51 6.72
CA ILE A 315 -18.15 18.13 7.07
C ILE A 315 -18.08 17.97 8.57
N HIS A 316 -18.71 16.91 9.08
CA HIS A 316 -18.64 16.53 10.48
C HIS A 316 -17.49 15.57 10.75
N ILE A 317 -17.34 14.54 9.91
CA ILE A 317 -16.29 13.53 10.06
C ILE A 317 -15.52 13.44 8.75
N LEU A 318 -14.24 13.78 8.80
CA LEU A 318 -13.36 13.73 7.64
C LEU A 318 -12.46 12.50 7.75
N VAL A 319 -12.45 11.67 6.70
CA VAL A 319 -11.81 10.36 6.75
C VAL A 319 -10.56 10.37 5.88
N ASN A 320 -9.41 10.10 6.50
CA ASN A 320 -8.12 10.10 5.83
C ASN A 320 -7.83 8.68 5.32
N MET A 321 -7.82 8.51 4.01
CA MET A 321 -7.62 7.20 3.40
C MET A 321 -6.22 7.00 2.83
N ASN A 322 -5.32 7.98 2.99
CA ASN A 322 -3.97 7.88 2.45
C ASN A 322 -2.93 7.62 3.51
N GLY A 323 -3.02 8.25 4.67
CA GLY A 323 -1.88 8.21 5.55
C GLY A 323 -0.63 8.62 4.80
N TYR A 324 0.49 7.95 5.09
CA TYR A 324 1.76 8.27 4.45
C TYR A 324 1.97 7.34 3.24
N THR A 325 1.11 7.53 2.25
CA THR A 325 1.21 6.84 0.97
C THR A 325 1.28 7.86 -0.15
N LYS A 326 1.67 7.40 -1.34
CA LYS A 326 1.71 8.26 -2.50
C LYS A 326 0.36 8.97 -2.70
N GLY A 327 0.42 10.25 -3.05
CA GLY A 327 -0.75 11.03 -3.35
C GLY A 327 -1.39 11.71 -2.15
N ALA A 328 -0.88 11.46 -0.94
CA ALA A 328 -1.49 12.06 0.24
C ALA A 328 -1.35 13.56 0.22
N ARG A 329 -2.33 14.24 0.81
CA ARG A 329 -2.26 15.67 1.11
C ARG A 329 -2.72 15.84 2.56
N ASN A 330 -1.91 15.31 3.49
CA ASN A 330 -2.24 15.37 4.90
C ASN A 330 -2.25 16.79 5.43
N GLU A 331 -1.65 17.74 4.69
CA GLU A 331 -1.83 19.15 5.02
C GLU A 331 -3.30 19.50 5.20
N LEU A 332 -4.18 18.87 4.41
CA LEU A 332 -5.61 19.12 4.55
C LEU A 332 -6.11 18.78 5.94
N PHE A 333 -5.64 17.64 6.50
CA PHE A 333 -6.05 17.29 7.85
C PHE A 333 -5.34 18.13 8.90
N ALA A 334 -4.07 18.50 8.64
CA ALA A 334 -3.36 19.36 9.58
C ALA A 334 -4.08 20.67 9.81
N LEU A 335 -4.84 21.14 8.82
CA LEU A 335 -5.61 22.37 8.95
C LEU A 335 -6.91 22.19 9.73
N ARG A 336 -7.32 20.94 9.97
CA ARG A 336 -8.51 20.63 10.77
C ARG A 336 -9.75 21.35 10.27
N PRO A 337 -10.17 21.12 9.02
CA PRO A 337 -11.44 21.71 8.55
C PRO A 337 -12.66 21.04 9.14
N ALA A 338 -12.52 19.87 9.77
CA ALA A 338 -13.63 19.14 10.37
C ALA A 338 -13.38 18.90 11.85
N PRO A 339 -14.43 18.80 12.66
CA PRO A 339 -14.22 18.57 14.10
C PRO A 339 -13.78 17.16 14.44
N ILE A 340 -14.04 16.17 13.60
CA ILE A 340 -13.66 14.78 13.85
C ILE A 340 -12.95 14.25 12.62
N GLN A 341 -11.71 13.82 12.78
CA GLN A 341 -10.91 13.33 11.66
C GLN A 341 -10.35 11.95 12.02
N ALA A 342 -10.53 10.99 11.11
CA ALA A 342 -10.22 9.59 11.39
C ALA A 342 -9.40 8.98 10.27
N MET A 343 -8.47 8.09 10.66
CA MET A 343 -7.75 7.26 9.70
C MET A 343 -8.58 6.05 9.35
N TRP A 344 -8.55 5.63 8.08
CA TRP A 344 -9.37 4.49 7.68
C TRP A 344 -8.78 3.79 6.46
N LEU A 345 -8.43 2.52 6.64
CA LEU A 345 -8.34 1.52 5.57
C LEU A 345 -7.09 1.64 4.69
N GLY A 346 -6.77 2.86 4.25
CA GLY A 346 -5.73 3.01 3.24
C GLY A 346 -4.32 2.90 3.76
N TYR A 347 -4.09 3.23 5.03
CA TYR A 347 -2.75 3.24 5.59
C TYR A 347 -2.70 2.31 6.80
N PRO A 348 -1.82 1.23 6.80
CA PRO A 348 -1.78 0.27 7.93
C PRO A 348 -0.85 0.72 9.05
N GLY A 349 -1.22 1.80 9.72
CA GLY A 349 -0.40 2.30 10.81
C GLY A 349 -0.91 3.62 11.31
N THR A 350 -0.24 4.10 12.35
CA THR A 350 -0.61 5.37 12.97
C THR A 350 -0.06 6.53 12.17
N SER A 351 -0.76 7.66 12.22
CA SER A 351 -0.21 8.91 11.72
C SER A 351 0.79 9.53 12.70
N GLY A 352 0.70 9.18 13.97
CA GLY A 352 1.52 9.81 14.99
C GLY A 352 1.29 11.29 15.14
N ALA A 353 0.26 11.81 14.48
CA ALA A 353 0.04 13.25 14.35
C ALA A 353 -1.13 13.70 15.22
N LEU A 354 -1.00 14.89 15.79
CA LEU A 354 -2.03 15.42 16.69
C LEU A 354 -3.33 15.71 15.95
N PHE A 355 -3.29 15.93 14.64
CA PHE A 355 -4.49 16.38 13.92
C PHE A 355 -5.40 15.23 13.49
N MET A 356 -5.04 13.98 13.75
CA MET A 356 -5.94 12.84 13.55
C MET A 356 -6.46 12.38 14.89
N ASP A 357 -7.78 12.29 15.02
CA ASP A 357 -8.41 11.92 16.29
C ASP A 357 -8.54 10.42 16.47
N TYR A 358 -8.95 9.71 15.43
CA TYR A 358 -9.27 8.29 15.53
C TYR A 358 -8.57 7.52 14.43
N ILE A 359 -8.30 6.25 14.71
CA ILE A 359 -8.00 5.27 13.69
C ILE A 359 -9.08 4.19 13.74
N ILE A 360 -9.70 3.93 12.60
CA ILE A 360 -10.77 2.95 12.52
C ILE A 360 -10.14 1.57 12.34
N THR A 361 -10.35 0.69 13.32
CA THR A 361 -9.72 -0.61 13.35
C THR A 361 -10.67 -1.62 13.99
N ASP A 362 -10.12 -2.63 14.66
CA ASP A 362 -10.95 -3.61 15.34
C ASP A 362 -10.12 -4.26 16.45
N GLN A 363 -10.82 -5.00 17.31
CA GLN A 363 -10.18 -5.56 18.49
C GLN A 363 -9.14 -6.62 18.15
N GLU A 364 -9.34 -7.35 17.06
CA GLU A 364 -8.34 -8.33 16.64
C GLU A 364 -7.10 -7.62 16.09
N THR A 365 -7.29 -6.66 15.20
CA THR A 365 -6.17 -5.95 14.60
C THR A 365 -5.39 -5.15 15.64
N SER A 366 -6.10 -4.43 16.51
CA SER A 366 -5.48 -3.50 17.45
C SER A 366 -6.08 -3.70 18.84
N PRO A 367 -5.71 -4.77 19.53
CA PRO A 367 -6.25 -5.00 20.86
C PRO A 367 -5.88 -3.86 21.80
N ALA A 368 -6.76 -3.63 22.79
CA ALA A 368 -6.62 -2.45 23.64
C ALA A 368 -5.28 -2.41 24.36
N GLU A 369 -4.66 -3.58 24.58
CA GLU A 369 -3.39 -3.60 25.31
C GLU A 369 -2.23 -3.04 24.49
N VAL A 370 -2.44 -2.73 23.22
CA VAL A 370 -1.39 -2.14 22.38
C VAL A 370 -1.81 -0.77 21.85
N ALA A 371 -2.72 -0.08 22.55
CA ALA A 371 -3.14 1.24 22.12
C ALA A 371 -1.99 2.25 22.12
N GLU A 372 -0.93 1.97 22.87
CA GLU A 372 0.21 2.88 22.92
C GLU A 372 0.98 2.94 21.60
N GLN A 373 0.75 2.00 20.69
CA GLN A 373 1.38 2.05 19.38
C GLN A 373 0.79 3.14 18.51
N TYR A 374 -0.40 3.64 18.83
CA TYR A 374 -1.11 4.61 18.01
C TYR A 374 -1.21 5.94 18.75
N SER A 375 -1.09 7.03 17.99
CA SER A 375 -1.36 8.36 18.56
C SER A 375 -2.85 8.63 18.60
N GLU A 376 -3.62 8.05 17.68
CA GLU A 376 -5.06 8.21 17.62
C GLU A 376 -5.74 7.40 18.73
N LYS A 377 -7.00 7.75 18.99
CA LYS A 377 -7.86 6.88 19.78
C LYS A 377 -8.43 5.77 18.90
N LEU A 378 -8.61 4.60 19.51
CA LEU A 378 -9.11 3.43 18.79
C LEU A 378 -10.61 3.54 18.58
N ALA A 379 -11.05 3.29 17.35
CA ALA A 379 -12.47 3.21 17.01
C ALA A 379 -12.71 1.83 16.39
N TYR A 380 -13.40 0.97 17.12
CA TYR A 380 -13.52 -0.45 16.75
C TYR A 380 -14.71 -0.69 15.83
N MET A 381 -14.45 -1.33 14.70
CA MET A 381 -15.54 -1.98 14.00
C MET A 381 -15.88 -3.30 14.70
N PRO A 382 -17.11 -3.79 14.55
CA PRO A 382 -17.51 -4.98 15.34
C PRO A 382 -16.79 -6.26 14.93
N HIS A 383 -16.41 -6.42 13.67
CA HIS A 383 -15.75 -7.65 13.23
C HIS A 383 -14.32 -7.38 12.78
N THR A 384 -14.17 -6.96 11.53
CA THR A 384 -12.90 -6.48 11.03
C THR A 384 -13.12 -5.10 10.41
N PHE A 385 -12.08 -4.26 10.47
CA PHE A 385 -12.13 -2.99 9.76
C PHE A 385 -11.90 -3.16 8.27
N PHE A 386 -11.35 -4.31 7.86
CA PHE A 386 -11.09 -4.54 6.45
C PHE A 386 -12.38 -4.92 5.73
N ILE A 387 -12.41 -4.63 4.43
CA ILE A 387 -13.58 -4.89 3.60
C ILE A 387 -13.08 -4.99 2.17
N GLY A 388 -13.86 -5.61 1.31
CA GLY A 388 -13.49 -5.77 -0.09
C GLY A 388 -14.73 -5.80 -0.95
N ASP A 389 -14.57 -5.37 -2.20
CA ASP A 389 -15.69 -5.31 -3.12
C ASP A 389 -15.83 -6.59 -3.95
N HIS A 390 -15.20 -7.68 -3.52
CA HIS A 390 -15.09 -8.88 -4.36
C HIS A 390 -16.47 -9.41 -4.78
N ALA A 391 -17.46 -9.35 -3.88
CA ALA A 391 -18.77 -9.87 -4.23
C ALA A 391 -19.39 -9.10 -5.39
N ASN A 392 -19.06 -7.82 -5.51
CA ASN A 392 -19.52 -6.98 -6.60
C ASN A 392 -18.62 -7.08 -7.83
N MET A 393 -17.30 -7.15 -7.62
CA MET A 393 -16.36 -7.11 -8.73
C MET A 393 -16.18 -8.48 -9.39
N PHE A 394 -16.12 -9.54 -8.60
CA PHE A 394 -15.79 -10.88 -9.11
C PHE A 394 -16.88 -11.89 -8.77
N PRO A 395 -18.14 -11.62 -9.14
CA PRO A 395 -19.20 -12.61 -8.90
C PRO A 395 -19.05 -13.86 -9.77
N HIS A 396 -18.29 -13.79 -10.86
CA HIS A 396 -18.09 -14.99 -11.66
C HIS A 396 -17.32 -16.05 -10.91
N LEU A 397 -16.66 -15.68 -9.81
CA LEU A 397 -15.94 -16.65 -8.98
C LEU A 397 -16.81 -17.22 -7.87
N LYS A 398 -18.09 -16.85 -7.81
CA LYS A 398 -18.96 -17.42 -6.78
C LYS A 398 -19.13 -18.92 -6.96
N LYS A 399 -19.09 -19.39 -8.20
CA LYS A 399 -19.24 -20.81 -8.51
C LYS A 399 -18.09 -21.26 -9.39
N LYS A 400 -17.84 -22.57 -9.39
CA LYS A 400 -16.80 -23.11 -10.25
C LYS A 400 -17.14 -24.55 -10.62
N ALA A 401 -16.52 -25.01 -11.70
CA ALA A 401 -16.54 -26.40 -12.10
C ALA A 401 -15.12 -26.82 -12.42
N VAL A 402 -14.89 -28.13 -12.53
CA VAL A 402 -13.60 -28.67 -12.88
C VAL A 402 -13.79 -29.71 -13.97
N ILE A 403 -12.68 -30.02 -14.65
CA ILE A 403 -12.62 -31.11 -15.62
C ILE A 403 -11.88 -32.27 -14.98
N ASP A 404 -12.47 -33.47 -15.04
CA ASP A 404 -11.87 -34.67 -14.48
C ASP A 404 -10.92 -35.25 -15.52
N PHE A 405 -9.72 -34.66 -15.59
CA PHE A 405 -8.74 -35.08 -16.59
C PHE A 405 -8.11 -36.43 -16.28
N LYS A 406 -8.50 -37.09 -15.19
CA LYS A 406 -8.04 -38.44 -14.91
C LYS A 406 -8.63 -39.44 -15.91
N ILE A 411 -10.49 -36.81 -8.14
CA ILE A 411 -11.04 -35.55 -8.64
C ILE A 411 -10.55 -34.36 -7.79
N TYR A 412 -9.90 -33.41 -8.45
CA TYR A 412 -9.33 -32.25 -7.81
C TYR A 412 -10.23 -31.03 -7.99
N ASP A 413 -10.20 -30.13 -7.01
CA ASP A 413 -10.95 -28.88 -7.09
C ASP A 413 -10.12 -27.71 -7.60
N ASN A 414 -8.83 -27.92 -7.93
CA ASN A 414 -7.96 -26.79 -8.22
C ASN A 414 -6.85 -27.13 -9.21
N ARG A 415 -7.09 -28.08 -10.13
CA ARG A 415 -6.15 -28.37 -11.20
C ARG A 415 -6.58 -27.78 -12.53
N ILE A 416 -7.84 -27.98 -12.92
CA ILE A 416 -8.42 -27.37 -14.12
C ILE A 416 -9.77 -26.80 -13.68
N VAL A 417 -9.91 -25.48 -13.73
CA VAL A 417 -11.04 -24.79 -13.14
C VAL A 417 -11.74 -23.95 -14.20
N LEU A 418 -13.07 -23.99 -14.20
CA LEU A 418 -13.90 -23.11 -15.00
C LEU A 418 -14.73 -22.21 -14.09
N ASN A 419 -14.84 -20.94 -14.46
CA ASN A 419 -15.73 -19.98 -13.80
C ASN A 419 -16.51 -19.24 -14.86
N GLY A 420 -17.70 -18.79 -14.49
CA GLY A 420 -18.47 -17.96 -15.40
C GLY A 420 -19.86 -17.62 -14.91
N ILE A 421 -20.35 -16.44 -15.31
CA ILE A 421 -21.72 -16.05 -14.98
C ILE A 421 -22.71 -17.04 -15.59
N ASP A 422 -22.47 -17.44 -16.84
CA ASP A 422 -23.33 -18.37 -17.55
C ASP A 422 -22.83 -19.80 -17.42
N LEU A 423 -22.04 -20.10 -16.37
CA LEU A 423 -21.45 -21.43 -16.24
C LEU A 423 -22.52 -22.49 -15.98
N LYS A 424 -23.44 -22.22 -15.06
CA LYS A 424 -24.54 -23.17 -14.84
C LYS A 424 -25.31 -23.39 -16.13
N ALA A 425 -25.69 -22.32 -16.82
CA ALA A 425 -26.41 -22.47 -18.08
C ALA A 425 -25.62 -23.35 -19.04
N PHE A 426 -24.30 -23.14 -19.11
CA PHE A 426 -23.48 -23.96 -19.99
C PHE A 426 -23.53 -25.42 -19.58
N LEU A 427 -23.47 -25.71 -18.28
CA LEU A 427 -23.47 -27.09 -17.83
C LEU A 427 -24.80 -27.78 -18.08
N ASP A 428 -25.90 -27.02 -18.17
CA ASP A 428 -27.18 -27.62 -18.51
C ASP A 428 -27.13 -28.34 -19.86
N SER A 429 -26.38 -27.77 -20.82
CA SER A 429 -26.29 -28.36 -22.15
C SER A 429 -25.46 -29.63 -22.16
N LEU A 430 -24.74 -29.94 -21.08
CA LEU A 430 -23.84 -31.08 -21.05
C LEU A 430 -24.52 -32.25 -20.35
N PRO A 431 -25.05 -33.23 -21.08
CA PRO A 431 -25.90 -34.24 -20.47
C PRO A 431 -25.15 -35.30 -19.68
N ASP A 432 -23.91 -35.00 -19.26
CA ASP A 432 -23.09 -36.02 -18.61
C ASP A 432 -22.17 -35.44 -17.53
N VAL A 433 -22.51 -34.29 -16.98
CA VAL A 433 -21.75 -33.71 -15.89
C VAL A 433 -22.07 -34.45 -14.59
N LYS A 434 -21.08 -34.60 -13.73
CA LYS A 434 -21.26 -35.24 -12.44
C LYS A 434 -21.16 -34.20 -11.34
N ILE A 435 -22.09 -34.26 -10.38
CA ILE A 435 -22.12 -33.36 -9.24
C ILE A 435 -21.47 -34.08 -8.06
N VAL A 436 -20.45 -33.47 -7.48
CA VAL A 436 -19.68 -34.05 -6.39
C VAL A 436 -20.04 -33.34 -5.10
N LYS A 437 -20.43 -34.11 -4.08
CA LYS A 437 -20.61 -33.59 -2.74
C LYS A 437 -19.26 -33.33 -2.08
N MET A 438 -19.14 -32.19 -1.42
CA MET A 438 -17.88 -31.79 -0.80
C MET A 438 -18.05 -31.50 0.68
N LEU A 454 -22.42 -25.40 -0.93
CA LEU A 454 -22.76 -25.85 -2.27
C LEU A 454 -21.83 -26.99 -2.72
N ASN A 455 -22.12 -27.60 -3.86
CA ASN A 455 -21.35 -28.71 -4.40
C ASN A 455 -20.72 -28.30 -5.74
N MET A 456 -19.93 -29.21 -6.30
CA MET A 456 -19.04 -28.88 -7.41
C MET A 456 -19.33 -29.74 -8.63
N PRO A 457 -19.70 -29.15 -9.77
CA PRO A 457 -19.88 -29.94 -10.99
C PRO A 457 -18.54 -30.36 -11.59
N VAL A 458 -18.50 -31.58 -12.13
CA VAL A 458 -17.29 -32.17 -12.68
C VAL A 458 -17.56 -32.60 -14.11
N ILE A 459 -16.85 -32.00 -15.05
CA ILE A 459 -16.98 -32.36 -16.46
C ILE A 459 -16.10 -33.56 -16.74
N PRO A 460 -16.64 -34.66 -17.24
CA PRO A 460 -15.82 -35.82 -17.57
C PRO A 460 -14.92 -35.53 -18.76
N MET A 461 -13.96 -36.43 -19.00
CA MET A 461 -13.01 -36.26 -20.09
C MET A 461 -13.68 -36.65 -21.41
N ASN A 462 -14.59 -35.78 -21.85
CA ASN A 462 -15.37 -36.01 -23.06
C ASN A 462 -14.86 -35.14 -24.19
N THR A 463 -15.66 -35.01 -25.25
CA THR A 463 -15.27 -34.23 -26.41
C THR A 463 -15.09 -32.76 -26.06
N ILE A 464 -16.05 -32.19 -25.31
CA ILE A 464 -15.95 -30.78 -24.94
C ILE A 464 -14.73 -30.53 -24.06
N ALA A 465 -14.47 -31.43 -23.11
CA ALA A 465 -13.32 -31.25 -22.23
C ALA A 465 -12.01 -31.30 -23.01
N GLU A 466 -11.93 -32.19 -24.00
CA GLU A 466 -10.71 -32.29 -24.79
C GLU A 466 -10.47 -31.00 -25.59
N ALA A 467 -11.54 -30.39 -26.10
CA ALA A 467 -11.38 -29.13 -26.82
C ALA A 467 -10.91 -28.02 -25.90
N VAL A 468 -11.43 -27.96 -24.67
CA VAL A 468 -10.98 -26.95 -23.72
C VAL A 468 -9.50 -27.14 -23.41
N ILE A 469 -9.10 -28.37 -23.09
CA ILE A 469 -7.71 -28.64 -22.76
C ILE A 469 -6.81 -28.39 -23.96
N GLU A 470 -7.30 -28.68 -25.17
CA GLU A 470 -6.53 -28.35 -26.37
C GLU A 470 -6.33 -26.84 -26.52
N MET A 471 -7.37 -26.04 -26.23
CA MET A 471 -7.23 -24.60 -26.26
C MET A 471 -6.08 -24.14 -25.35
N ILE A 472 -6.07 -24.64 -24.11
CA ILE A 472 -5.02 -24.26 -23.18
C ILE A 472 -3.65 -24.69 -23.69
N ASN A 473 -3.53 -25.96 -24.10
CA ASN A 473 -2.25 -26.48 -24.54
C ASN A 473 -1.78 -25.76 -25.79
N ARG A 474 -2.67 -25.52 -26.74
CA ARG A 474 -2.29 -24.86 -27.98
C ARG A 474 -2.13 -23.35 -27.82
N GLY A 475 -2.50 -22.78 -26.69
CA GLY A 475 -2.41 -21.35 -26.49
C GLY A 475 -3.46 -20.54 -27.21
N GLN A 476 -4.60 -21.14 -27.56
CA GLN A 476 -5.66 -20.40 -28.21
C GLN A 476 -6.29 -19.40 -27.24
N ILE A 477 -6.91 -18.36 -27.81
CA ILE A 477 -7.48 -17.28 -27.01
C ILE A 477 -8.84 -17.66 -26.46
N GLN A 478 -9.74 -18.13 -27.32
CA GLN A 478 -11.01 -18.63 -26.84
C GLN A 478 -11.64 -19.51 -27.91
N ILE A 479 -12.62 -20.31 -27.50
CA ILE A 479 -13.37 -21.18 -28.38
C ILE A 479 -14.85 -20.98 -28.09
N THR A 480 -15.69 -21.55 -28.95
CA THR A 480 -17.14 -21.47 -28.81
C THR A 480 -17.72 -22.87 -28.82
N ILE A 481 -18.50 -23.20 -27.80
CA ILE A 481 -19.15 -24.51 -27.68
C ILE A 481 -20.61 -24.28 -27.32
N ASN A 482 -21.52 -24.83 -28.12
CA ASN A 482 -22.96 -24.67 -27.90
C ASN A 482 -23.32 -23.19 -27.80
N GLY A 483 -22.63 -22.35 -28.57
CA GLY A 483 -22.85 -20.91 -28.50
C GLY A 483 -22.15 -20.20 -27.37
N PHE A 484 -21.57 -20.92 -26.40
CA PHE A 484 -20.91 -20.29 -25.26
C PHE A 484 -19.44 -20.01 -25.58
N SER A 485 -18.99 -18.81 -25.20
CA SER A 485 -17.58 -18.44 -25.33
C SER A 485 -16.80 -19.00 -24.15
N ILE A 486 -15.75 -19.76 -24.44
CA ILE A 486 -14.87 -20.32 -23.42
C ILE A 486 -13.50 -19.68 -23.63
N SER A 487 -13.04 -18.95 -22.61
CA SER A 487 -11.86 -18.09 -22.73
C SER A 487 -10.66 -18.69 -22.01
N ASN A 488 -9.50 -18.58 -22.65
CA ASN A 488 -8.23 -18.91 -22.02
C ASN A 488 -7.90 -17.86 -20.95
N GLY A 489 -7.76 -18.31 -19.70
CA GLY A 489 -7.57 -17.39 -18.59
C GLY A 489 -6.33 -16.53 -18.68
N LEU A 490 -5.38 -16.90 -19.54
CA LEU A 490 -4.16 -16.11 -19.74
C LEU A 490 -4.36 -14.98 -20.75
N ALA A 491 -5.53 -14.88 -21.39
CA ALA A 491 -5.72 -13.95 -22.50
C ALA A 491 -6.79 -12.91 -22.23
N THR A 492 -7.14 -12.66 -20.96
CA THR A 492 -8.26 -11.78 -20.67
C THR A 492 -8.05 -10.38 -21.24
N THR A 493 -6.82 -9.86 -21.19
CA THR A 493 -6.62 -8.49 -21.72
C THR A 493 -6.89 -8.41 -23.21
N GLN A 494 -6.72 -9.52 -23.94
CA GLN A 494 -7.05 -9.53 -25.36
C GLN A 494 -8.54 -9.67 -25.62
N ILE A 495 -9.29 -10.20 -24.67
CA ILE A 495 -10.72 -10.39 -24.84
C ILE A 495 -11.50 -9.18 -24.35
N ASN A 496 -11.22 -8.71 -23.13
CA ASN A 496 -11.94 -7.56 -22.58
C ASN A 496 -11.05 -6.94 -21.51
N ASN A 497 -10.39 -5.83 -21.85
CA ASN A 497 -9.46 -5.23 -20.91
C ASN A 497 -10.17 -4.75 -19.65
N LYS A 498 -11.41 -4.29 -19.77
CA LYS A 498 -12.17 -3.86 -18.59
C LYS A 498 -12.47 -5.01 -17.66
N ALA A 499 -12.64 -6.22 -18.20
CA ALA A 499 -12.82 -7.39 -17.34
C ALA A 499 -11.53 -7.76 -16.63
N ALA A 500 -10.40 -7.63 -17.33
CA ALA A 500 -9.10 -7.97 -16.74
C ALA A 500 -8.78 -7.10 -15.53
N THR A 501 -9.18 -5.83 -15.56
CA THR A 501 -8.84 -4.91 -14.48
C THR A 501 -9.82 -4.94 -13.31
N GLY A 502 -10.96 -5.62 -13.46
CA GLY A 502 -12.01 -5.58 -12.46
C GLY A 502 -13.03 -4.48 -12.65
N GLU A 503 -12.89 -3.66 -13.71
CA GLU A 503 -13.88 -2.62 -13.98
C GLU A 503 -15.22 -3.20 -14.41
N GLU A 504 -15.21 -4.38 -15.03
CA GLU A 504 -16.41 -5.06 -15.48
C GLU A 504 -16.33 -6.53 -15.08
N VAL A 505 -17.50 -7.14 -14.92
CA VAL A 505 -17.57 -8.58 -14.67
C VAL A 505 -17.33 -9.33 -15.97
N PRO A 506 -16.41 -10.29 -16.02
CA PRO A 506 -16.20 -11.07 -17.24
C PRO A 506 -17.51 -11.67 -17.74
N ARG A 507 -17.67 -11.71 -19.05
CA ARG A 507 -18.89 -12.25 -19.63
C ARG A 507 -18.76 -13.71 -20.07
N THR A 508 -17.56 -14.17 -20.37
CA THR A 508 -17.38 -15.51 -20.89
C THR A 508 -17.05 -16.49 -19.77
N ILE A 509 -17.05 -17.78 -20.12
CA ILE A 509 -16.57 -18.83 -19.23
C ILE A 509 -15.05 -18.88 -19.34
N ILE A 510 -14.36 -18.76 -18.21
CA ILE A 510 -12.91 -18.65 -18.18
C ILE A 510 -12.32 -19.97 -17.70
N VAL A 511 -11.20 -20.36 -18.31
CA VAL A 511 -10.52 -21.61 -17.99
C VAL A 511 -9.18 -21.26 -17.34
N THR A 512 -8.94 -21.83 -16.16
CA THR A 512 -7.73 -21.59 -15.39
C THR A 512 -7.14 -22.94 -15.01
N THR A 513 -5.85 -23.15 -15.29
CA THR A 513 -5.23 -24.43 -15.03
C THR A 513 -3.86 -24.25 -14.39
N ARG A 514 -3.44 -25.27 -13.64
CA ARG A 514 -2.10 -25.27 -13.08
C ARG A 514 -1.04 -25.31 -14.16
N SER A 515 -1.32 -25.98 -15.29
CA SER A 515 -0.35 -26.01 -16.38
C SER A 515 -0.04 -24.60 -16.90
N GLN A 516 -1.00 -23.67 -16.78
CA GLN A 516 -0.76 -22.30 -17.23
C GLN A 516 0.35 -21.63 -16.44
N TYR A 517 0.57 -22.05 -15.19
CA TYR A 517 1.55 -21.41 -14.32
C TYR A 517 2.70 -22.34 -13.96
N GLY A 518 2.84 -23.46 -14.66
CA GLY A 518 3.91 -24.38 -14.37
C GLY A 518 3.82 -25.08 -13.04
N LEU A 519 2.61 -25.18 -12.47
CA LEU A 519 2.44 -25.85 -11.20
C LEU A 519 2.23 -27.35 -11.39
N PRO A 520 2.66 -28.16 -10.43
CA PRO A 520 2.52 -29.62 -10.56
C PRO A 520 1.06 -30.05 -10.40
N GLU A 521 0.67 -31.05 -11.19
CA GLU A 521 -0.67 -31.62 -11.13
C GLU A 521 -0.87 -32.53 -9.93
N ASP A 522 0.21 -33.04 -9.34
CA ASP A 522 0.12 -34.11 -8.36
C ASP A 522 0.74 -33.72 -7.02
N ALA A 523 0.81 -32.43 -6.71
CA ALA A 523 1.48 -31.99 -5.49
C ALA A 523 0.74 -30.80 -4.89
N ILE A 524 1.02 -30.55 -3.62
CA ILE A 524 0.42 -29.46 -2.87
C ILE A 524 1.08 -28.14 -3.27
N VAL A 525 0.26 -27.11 -3.48
CA VAL A 525 0.75 -25.78 -3.82
C VAL A 525 0.45 -24.85 -2.65
N TYR A 526 1.51 -24.34 -2.01
CA TYR A 526 1.43 -23.21 -1.09
C TYR A 526 1.74 -21.94 -1.87
N CYS A 527 0.90 -20.92 -1.71
CA CYS A 527 1.10 -19.69 -2.47
C CYS A 527 1.28 -18.50 -1.54
N ASN A 528 2.01 -17.50 -2.04
CA ASN A 528 1.96 -16.17 -1.46
C ASN A 528 2.21 -15.16 -2.57
N PHE A 529 1.28 -14.23 -2.75
CA PHE A 529 1.32 -13.29 -3.86
C PHE A 529 1.62 -11.87 -3.38
N ASN A 530 2.36 -11.73 -2.28
CA ASN A 530 2.71 -10.43 -1.75
C ASN A 530 3.98 -9.89 -2.41
N GLN A 531 4.19 -8.58 -2.27
CA GLN A 531 5.47 -7.99 -2.63
C GLN A 531 6.58 -8.72 -1.89
N LEU A 532 7.70 -8.95 -2.58
CA LEU A 532 8.80 -9.70 -1.97
C LEU A 532 9.42 -8.97 -0.79
N TYR A 533 9.29 -7.65 -0.69
CA TYR A 533 9.86 -6.97 0.47
C TYR A 533 9.15 -7.33 1.76
N LYS A 534 7.98 -7.96 1.69
CA LYS A 534 7.32 -8.45 2.90
C LYS A 534 7.90 -9.78 3.39
N ILE A 535 8.82 -10.39 2.65
CA ILE A 535 9.49 -11.61 3.07
C ILE A 535 10.82 -11.25 3.71
N ASP A 536 11.13 -11.89 4.83
CA ASP A 536 12.42 -11.77 5.49
C ASP A 536 13.01 -13.16 5.66
N PRO A 537 14.29 -13.24 6.03
CA PRO A 537 14.90 -14.58 6.24
C PRO A 537 14.10 -15.48 7.18
N SER A 538 13.58 -14.92 8.27
CA SER A 538 12.81 -15.73 9.22
C SER A 538 11.60 -16.34 8.53
N THR A 539 10.92 -15.57 7.68
CA THR A 539 9.73 -16.08 7.02
C THR A 539 10.07 -17.21 6.05
N LEU A 540 11.13 -17.04 5.26
CA LEU A 540 11.48 -18.07 4.30
C LEU A 540 11.99 -19.34 4.99
N GLN A 541 12.67 -19.18 6.13
CA GLN A 541 13.03 -20.35 6.93
C GLN A 541 11.79 -21.11 7.37
N MET A 542 10.75 -20.40 7.80
CA MET A 542 9.52 -21.06 8.21
C MET A 542 8.88 -21.80 7.04
N TRP A 543 8.86 -21.16 5.88
CA TRP A 543 8.30 -21.81 4.69
C TRP A 543 9.12 -23.03 4.30
N ALA A 544 10.45 -22.93 4.35
CA ALA A 544 11.28 -24.09 4.08
C ALA A 544 10.96 -25.22 5.05
N ASN A 545 10.77 -24.90 6.34
CA ASN A 545 10.41 -25.93 7.30
C ASN A 545 9.13 -26.65 6.89
N ILE A 546 8.16 -25.91 6.35
CA ILE A 546 6.90 -26.49 5.92
C ILE A 546 7.11 -27.40 4.71
N LEU A 547 7.78 -26.90 3.68
CA LEU A 547 7.99 -27.69 2.47
C LEU A 547 8.75 -28.98 2.80
N LYS A 548 9.72 -28.91 3.71
CA LYS A 548 10.49 -30.10 4.04
C LYS A 548 9.63 -31.19 4.68
N ARG A 549 8.52 -30.82 5.30
CA ARG A 549 7.63 -31.79 5.92
C ARG A 549 6.51 -32.26 5.00
N VAL A 550 6.32 -31.62 3.85
CA VAL A 550 5.33 -32.07 2.88
C VAL A 550 6.07 -32.47 1.61
N PRO A 551 6.29 -33.77 1.37
CA PRO A 551 7.32 -34.18 0.40
C PRO A 551 7.22 -33.53 -0.98
N ASN A 552 6.04 -33.53 -1.60
CA ASN A 552 5.94 -33.08 -2.98
C ASN A 552 5.55 -31.60 -3.13
N SER A 553 5.42 -30.86 -2.04
CA SER A 553 4.83 -29.54 -2.09
C SER A 553 5.75 -28.53 -2.78
N VAL A 554 5.15 -27.49 -3.36
CA VAL A 554 5.89 -26.39 -3.95
C VAL A 554 5.39 -25.08 -3.36
N LEU A 555 6.20 -24.05 -3.53
CA LEU A 555 5.89 -22.70 -3.09
C LEU A 555 5.73 -21.83 -4.32
N TRP A 556 4.60 -21.13 -4.40
CA TRP A 556 4.20 -20.31 -5.55
C TRP A 556 4.30 -18.84 -5.13
N LEU A 557 5.25 -18.11 -5.72
CA LEU A 557 5.56 -16.73 -5.34
C LEU A 557 5.41 -15.80 -6.54
N LEU A 558 5.47 -14.49 -6.26
CA LEU A 558 5.25 -13.45 -7.25
C LEU A 558 6.55 -12.76 -7.63
N ARG A 559 6.75 -12.50 -8.92
CA ARG A 559 7.90 -11.74 -9.40
C ARG A 559 7.64 -10.25 -9.19
N PHE A 560 7.90 -9.80 -7.98
CA PHE A 560 7.71 -8.38 -7.65
C PHE A 560 8.81 -7.91 -6.71
N PRO A 561 9.99 -7.60 -7.27
CA PRO A 561 10.30 -7.66 -8.69
C PRO A 561 10.94 -8.96 -9.15
N ALA A 562 11.07 -9.14 -10.46
CA ALA A 562 11.68 -10.35 -11.00
C ALA A 562 13.11 -10.52 -10.52
N VAL A 563 13.85 -9.42 -10.38
CA VAL A 563 15.25 -9.54 -9.97
C VAL A 563 15.41 -10.08 -8.56
N GLY A 564 14.31 -10.20 -7.80
CA GLY A 564 14.42 -10.85 -6.51
C GLY A 564 14.41 -12.36 -6.57
N GLU A 565 14.00 -12.93 -7.70
CA GLU A 565 13.87 -14.39 -7.81
C GLU A 565 15.17 -15.13 -7.50
N PRO A 566 16.29 -14.83 -8.14
CA PRO A 566 17.52 -15.59 -7.85
C PRO A 566 17.98 -15.47 -6.41
N ASN A 567 17.63 -14.39 -5.71
CA ASN A 567 18.00 -14.29 -4.30
C ASN A 567 17.19 -15.26 -3.47
N ILE A 568 15.86 -15.28 -3.67
CA ILE A 568 15.01 -16.22 -2.96
CA ILE A 568 15.02 -16.22 -2.95
C ILE A 568 15.45 -17.65 -3.24
N GLN A 569 15.72 -17.96 -4.51
CA GLN A 569 16.16 -19.31 -4.87
C GLN A 569 17.47 -19.66 -4.15
N GLN A 570 18.42 -18.71 -4.13
CA GLN A 570 19.68 -18.92 -3.44
C GLN A 570 19.47 -19.27 -1.97
N TYR A 571 18.72 -18.42 -1.26
CA TYR A 571 18.54 -18.63 0.17
C TYR A 571 17.74 -19.89 0.46
N ALA A 572 16.78 -20.21 -0.39
CA ALA A 572 16.02 -21.45 -0.21
C ALA A 572 16.93 -22.66 -0.36
N GLN A 573 17.70 -22.71 -1.46
CA GLN A 573 18.64 -23.81 -1.64
C GLN A 573 19.65 -23.85 -0.49
N ASN A 574 19.99 -22.69 0.05
CA ASN A 574 20.86 -22.63 1.22
C ASN A 574 20.20 -23.27 2.43
N MET A 575 18.88 -23.26 2.49
CA MET A 575 18.13 -23.84 3.59
C MET A 575 17.72 -25.29 3.31
N GLY A 576 18.18 -25.87 2.21
CA GLY A 576 17.90 -27.26 1.89
C GLY A 576 16.77 -27.51 0.93
N LEU A 577 16.35 -26.52 0.14
CA LEU A 577 15.25 -26.68 -0.81
C LEU A 577 15.77 -26.65 -2.23
N PRO A 578 15.65 -27.73 -3.00
CA PRO A 578 16.00 -27.66 -4.42
C PRO A 578 15.28 -26.52 -5.12
N GLN A 579 15.89 -26.02 -6.21
CA GLN A 579 15.34 -24.87 -6.90
C GLN A 579 13.95 -25.14 -7.45
N ASN A 580 13.69 -26.39 -7.89
CA ASN A 580 12.41 -26.72 -8.49
C ASN A 580 11.27 -26.75 -7.48
N ARG A 581 11.54 -26.48 -6.20
CA ARG A 581 10.47 -26.42 -5.20
C ARG A 581 9.80 -25.05 -5.12
N ILE A 582 10.37 -24.03 -5.75
CA ILE A 582 9.84 -22.67 -5.70
C ILE A 582 9.51 -22.22 -7.10
N ILE A 583 8.25 -21.84 -7.34
CA ILE A 583 7.75 -21.50 -8.66
C ILE A 583 7.29 -20.05 -8.63
N PHE A 584 7.86 -19.23 -9.51
CA PHE A 584 7.49 -17.83 -9.63
C PHE A 584 6.57 -17.60 -10.82
N SER A 585 5.63 -16.67 -10.65
CA SER A 585 4.77 -16.21 -11.74
C SER A 585 4.84 -14.69 -11.84
N PRO A 586 4.60 -14.13 -13.02
CA PRO A 586 4.59 -12.67 -13.15
C PRO A 586 3.33 -12.06 -12.55
N VAL A 587 3.42 -10.77 -12.26
CA VAL A 587 2.24 -9.99 -11.90
C VAL A 587 1.20 -10.13 -13.00
N ALA A 588 -0.04 -10.41 -12.60
CA ALA A 588 -1.14 -10.56 -13.53
C ALA A 588 -2.15 -9.43 -13.36
N PRO A 589 -3.01 -9.21 -14.34
CA PRO A 589 -4.12 -8.26 -14.15
C PRO A 589 -4.97 -8.68 -12.96
N LYS A 590 -5.67 -7.69 -12.40
CA LYS A 590 -6.37 -7.88 -11.13
C LYS A 590 -7.28 -9.12 -11.17
N GLU A 591 -8.07 -9.27 -12.22
CA GLU A 591 -9.03 -10.38 -12.26
C GLU A 591 -8.31 -11.72 -12.35
N GLU A 592 -7.28 -11.83 -13.19
CA GLU A 592 -6.53 -13.08 -13.28
C GLU A 592 -5.84 -13.42 -11.96
N HIS A 593 -5.32 -12.39 -11.29
CA HIS A 593 -4.63 -12.60 -10.01
C HIS A 593 -5.57 -13.21 -8.98
N VAL A 594 -6.80 -12.70 -8.89
CA VAL A 594 -7.76 -13.26 -7.95
C VAL A 594 -8.20 -14.66 -8.41
N ARG A 595 -8.43 -14.82 -9.71
CA ARG A 595 -8.95 -16.08 -10.23
C ARG A 595 -7.94 -17.20 -10.07
N ARG A 596 -6.66 -16.94 -10.35
CA ARG A 596 -5.66 -18.00 -10.26
C ARG A 596 -5.37 -18.43 -8.83
N GLY A 597 -5.79 -17.65 -7.83
CA GLY A 597 -5.71 -18.12 -6.45
C GLY A 597 -6.44 -19.43 -6.23
N GLN A 598 -7.42 -19.75 -7.09
CA GLN A 598 -8.13 -21.03 -6.95
C GLN A 598 -7.22 -22.22 -7.20
N LEU A 599 -6.09 -22.03 -7.86
CA LEU A 599 -5.20 -23.15 -8.17
C LEU A 599 -4.36 -23.58 -6.98
N ALA A 600 -4.23 -22.75 -5.96
CA ALA A 600 -3.45 -23.11 -4.79
C ALA A 600 -4.27 -24.00 -3.85
N ASP A 601 -3.56 -24.75 -3.00
CA ASP A 601 -4.22 -25.47 -1.92
C ASP A 601 -4.30 -24.63 -0.65
N VAL A 602 -3.25 -23.86 -0.37
CA VAL A 602 -3.12 -23.12 0.87
C VAL A 602 -2.29 -21.87 0.58
N CYS A 603 -2.68 -20.75 1.19
CA CYS A 603 -1.89 -19.52 1.15
C CYS A 603 -1.14 -19.36 2.46
N LEU A 604 0.17 -19.11 2.36
CA LEU A 604 1.01 -18.86 3.53
C LEU A 604 1.21 -17.36 3.66
N ASP A 605 0.62 -16.76 4.69
CA ASP A 605 0.69 -15.31 4.87
C ASP A 605 2.05 -14.92 5.43
N THR A 606 2.50 -13.71 5.07
CA THR A 606 3.78 -13.19 5.55
C THR A 606 3.62 -12.63 6.96
N PRO A 607 4.32 -13.18 7.96
CA PRO A 607 4.20 -12.64 9.32
C PRO A 607 4.75 -11.23 9.48
N LEU A 608 5.81 -10.87 8.77
CA LEU A 608 6.42 -9.56 8.96
C LEU A 608 5.41 -8.46 8.66
N CYS A 609 4.74 -8.57 7.53
CA CYS A 609 3.70 -7.63 7.14
C CYS A 609 2.69 -8.42 6.32
N ASN A 610 1.49 -8.60 6.85
CA ASN A 610 0.56 -9.52 6.21
C ASN A 610 0.18 -9.02 4.82
N GLY A 611 -0.37 -9.92 4.02
CA GLY A 611 -1.16 -9.49 2.89
C GLY A 611 -2.41 -8.79 3.40
N HIS A 612 -2.76 -7.69 2.75
CA HIS A 612 -3.96 -6.95 3.10
C HIS A 612 -5.01 -7.10 2.03
N THR A 613 -4.85 -6.44 0.87
CA THR A 613 -5.71 -6.74 -0.26
C THR A 613 -5.57 -8.21 -0.68
N THR A 614 -4.33 -8.72 -0.74
CA THR A 614 -4.10 -10.09 -1.20
C THR A 614 -4.70 -11.13 -0.28
N GLY A 615 -4.84 -10.81 1.01
CA GLY A 615 -5.54 -11.71 1.91
C GLY A 615 -7.01 -11.85 1.55
N MET A 616 -7.65 -10.71 1.27
CA MET A 616 -9.03 -10.75 0.78
C MET A 616 -9.13 -11.50 -0.55
N ASP A 617 -8.16 -11.28 -1.45
CA ASP A 617 -8.22 -11.93 -2.76
C ASP A 617 -8.17 -13.45 -2.62
N VAL A 618 -7.28 -13.96 -1.77
CA VAL A 618 -7.09 -15.40 -1.67
C VAL A 618 -8.30 -16.05 -1.01
N LEU A 619 -8.89 -15.37 -0.01
CA LEU A 619 -10.07 -15.93 0.64
C LEU A 619 -11.27 -15.94 -0.29
N TRP A 620 -11.41 -14.91 -1.13
CA TRP A 620 -12.52 -14.90 -2.09
C TRP A 620 -12.41 -16.04 -3.09
N ALA A 621 -11.19 -16.48 -3.41
CA ALA A 621 -11.00 -17.64 -4.25
C ALA A 621 -11.29 -18.96 -3.53
N GLY A 622 -11.55 -18.91 -2.23
CA GLY A 622 -11.78 -20.13 -1.46
C GLY A 622 -10.53 -20.80 -0.93
N THR A 623 -9.39 -20.13 -0.97
CA THR A 623 -8.13 -20.74 -0.55
C THR A 623 -7.85 -20.42 0.90
N PRO A 624 -7.72 -21.41 1.79
CA PRO A 624 -7.42 -21.10 3.20
C PRO A 624 -6.08 -20.40 3.30
N MET A 625 -6.02 -19.43 4.21
CA MET A 625 -4.81 -18.67 4.47
C MET A 625 -4.35 -18.92 5.91
N VAL A 626 -3.08 -19.26 6.07
CA VAL A 626 -2.48 -19.50 7.38
C VAL A 626 -1.71 -18.24 7.79
N THR A 627 -1.90 -17.77 9.01
CA THR A 627 -1.29 -16.52 9.43
C THR A 627 -0.82 -16.62 10.89
N MET A 628 0.20 -15.82 11.21
CA MET A 628 0.67 -15.66 12.58
C MET A 628 0.67 -14.18 12.91
N PRO A 629 -0.35 -13.68 13.62
CA PRO A 629 -0.40 -12.25 13.91
C PRO A 629 0.73 -11.81 14.83
N GLY A 630 1.34 -10.68 14.51
CA GLY A 630 2.40 -10.09 15.30
C GLY A 630 1.88 -9.01 16.23
N GLU A 631 2.61 -7.91 16.32
CA GLU A 631 2.24 -6.81 17.20
C GLU A 631 1.85 -5.54 16.47
N THR A 632 2.43 -5.26 15.30
CA THR A 632 2.03 -4.09 14.54
C THR A 632 0.68 -4.31 13.89
N LEU A 633 -0.02 -3.20 13.63
CA LEU A 633 -1.27 -3.29 12.89
C LEU A 633 -1.08 -4.07 11.59
N ALA A 634 0.00 -3.79 10.86
CA ALA A 634 0.20 -4.44 9.56
C ALA A 634 0.39 -5.94 9.71
N SER A 635 0.89 -6.40 10.86
CA SER A 635 1.14 -7.83 11.05
C SER A 635 -0.06 -8.58 11.61
N ARG A 636 -1.20 -7.92 11.82
CA ARG A 636 -2.36 -8.56 12.43
C ARG A 636 -3.61 -8.50 11.56
N VAL A 637 -3.52 -7.92 10.38
CA VAL A 637 -4.71 -7.77 9.53
C VAL A 637 -5.26 -9.12 9.08
N ALA A 638 -4.38 -10.04 8.69
CA ALA A 638 -4.85 -11.32 8.16
C ALA A 638 -5.63 -12.12 9.21
N ALA A 639 -5.18 -12.09 10.47
CA ALA A 639 -5.91 -12.77 11.52
C ALA A 639 -7.25 -12.10 11.81
N SER A 640 -7.32 -10.78 11.67
CA SER A 640 -8.60 -10.10 11.76
C SER A 640 -9.55 -10.57 10.67
N GLN A 641 -9.04 -10.71 9.44
CA GLN A 641 -9.88 -11.18 8.34
C GLN A 641 -10.37 -12.60 8.59
N LEU A 642 -9.48 -13.48 9.06
CA LEU A 642 -9.86 -14.87 9.30
C LEU A 642 -10.83 -14.99 10.46
N THR A 643 -10.73 -14.11 11.46
CA THR A 643 -11.67 -14.14 12.57
C THR A 643 -13.07 -13.77 12.11
N CYS A 644 -13.18 -12.71 11.31
CA CYS A 644 -14.47 -12.34 10.72
C CYS A 644 -15.01 -13.45 9.84
N LEU A 645 -14.14 -14.06 9.03
CA LEU A 645 -14.55 -15.17 8.18
C LEU A 645 -15.04 -16.35 9.00
N GLY A 646 -14.48 -16.55 10.19
CA GLY A 646 -14.86 -17.63 11.06
C GLY A 646 -13.97 -18.86 11.00
N CYS A 647 -12.69 -18.70 10.68
CA CYS A 647 -11.75 -19.82 10.57
C CYS A 647 -10.63 -19.61 11.58
N LEU A 648 -10.95 -19.73 12.86
CA LEU A 648 -9.96 -19.51 13.90
C LEU A 648 -8.82 -20.53 13.85
N GLU A 649 -9.06 -21.70 13.26
CA GLU A 649 -8.04 -22.74 13.21
C GLU A 649 -6.91 -22.42 12.25
N LEU A 650 -7.03 -21.36 11.46
CA LEU A 650 -5.97 -20.93 10.55
C LEU A 650 -5.08 -19.85 11.16
N ILE A 651 -5.32 -19.47 12.42
CA ILE A 651 -4.57 -18.41 13.09
C ILE A 651 -3.61 -19.07 14.08
N ALA A 652 -2.31 -18.85 13.88
CA ALA A 652 -1.28 -19.46 14.71
C ALA A 652 -0.83 -18.51 15.80
N LYS A 653 -0.53 -19.07 16.98
CA LYS A 653 -0.02 -18.30 18.10
C LYS A 653 1.51 -18.20 18.12
N ASN A 654 2.20 -19.04 17.37
CA ASN A 654 3.65 -18.99 17.29
C ASN A 654 4.07 -19.68 15.98
N ARG A 655 5.38 -19.70 15.74
CA ARG A 655 5.88 -20.25 14.48
C ARG A 655 5.62 -21.75 14.39
N GLN A 656 5.75 -22.46 15.51
CA GLN A 656 5.47 -23.90 15.53
C GLN A 656 4.06 -24.18 15.05
N GLU A 657 3.07 -23.49 15.64
CA GLU A 657 1.69 -23.73 15.23
C GLU A 657 1.48 -23.35 13.76
N TYR A 658 2.09 -22.24 13.33
CA TYR A 658 2.00 -21.83 11.93
C TYR A 658 2.46 -22.97 11.01
N GLU A 659 3.62 -23.54 11.29
CA GLU A 659 4.13 -24.65 10.49
C GLU A 659 3.22 -25.87 10.60
N ASP A 660 2.79 -26.21 11.82
CA ASP A 660 1.96 -27.41 11.98
C ASP A 660 0.63 -27.28 11.24
N ILE A 661 0.01 -26.10 11.30
CA ILE A 661 -1.24 -25.88 10.56
C ILE A 661 -1.00 -26.10 9.08
N ALA A 662 0.04 -25.47 8.52
CA ALA A 662 0.30 -25.59 7.09
C ALA A 662 0.62 -27.02 6.70
N VAL A 663 1.40 -27.73 7.53
CA VAL A 663 1.76 -29.12 7.22
C VAL A 663 0.55 -30.02 7.30
N LYS A 664 -0.32 -29.80 8.30
CA LYS A 664 -1.52 -30.64 8.40
C LYS A 664 -2.42 -30.46 7.18
N LEU A 665 -2.62 -29.21 6.76
CA LEU A 665 -3.41 -28.95 5.56
C LEU A 665 -2.79 -29.65 4.35
N GLY A 666 -1.46 -29.70 4.30
CA GLY A 666 -0.78 -30.28 3.15
C GLY A 666 -0.63 -31.79 3.18
N THR A 667 -0.86 -32.43 4.33
CA THR A 667 -0.69 -33.87 4.46
C THR A 667 -1.97 -34.61 4.77
N ASP A 668 -2.93 -33.99 5.45
CA ASP A 668 -4.24 -34.58 5.73
C ASP A 668 -5.22 -34.02 4.70
N LEU A 669 -5.39 -34.76 3.60
CA LEU A 669 -6.17 -34.23 2.49
C LEU A 669 -7.66 -34.16 2.80
N GLU A 670 -8.14 -34.95 3.75
CA GLU A 670 -9.54 -34.82 4.17
C GLU A 670 -9.74 -33.55 4.99
N TYR A 671 -8.76 -33.23 5.84
CA TYR A 671 -8.82 -31.97 6.57
C TYR A 671 -8.74 -30.79 5.62
N LEU A 672 -7.87 -30.88 4.61
CA LEU A 672 -7.77 -29.81 3.62
C LEU A 672 -9.11 -29.58 2.92
N LYS A 673 -9.75 -30.68 2.51
CA LYS A 673 -11.05 -30.58 1.87
C LYS A 673 -12.07 -29.90 2.79
N LYS A 674 -12.05 -30.25 4.08
CA LYS A 674 -12.97 -29.62 5.02
C LYS A 674 -12.69 -28.13 5.16
N VAL A 675 -11.42 -27.75 5.30
CA VAL A 675 -11.08 -26.35 5.50
C VAL A 675 -11.39 -25.54 4.24
N ARG A 676 -11.00 -26.06 3.08
CA ARG A 676 -11.31 -25.36 1.83
C ARG A 676 -12.82 -25.19 1.66
N GLY A 677 -13.60 -26.22 2.00
CA GLY A 677 -15.04 -26.07 1.95
C GLY A 677 -15.55 -25.01 2.89
N LYS A 678 -14.91 -24.87 4.05
CA LYS A 678 -15.33 -23.85 5.01
C LYS A 678 -15.10 -22.45 4.45
N VAL A 679 -13.90 -22.18 3.92
CA VAL A 679 -13.63 -20.87 3.33
C VAL A 679 -14.58 -20.60 2.16
N TRP A 680 -14.73 -21.59 1.27
CA TRP A 680 -15.62 -21.45 0.12
C TRP A 680 -17.01 -21.00 0.53
N LYS A 681 -17.56 -21.59 1.60
CA LYS A 681 -18.91 -21.25 2.03
C LYS A 681 -18.95 -19.94 2.82
N GLN A 682 -18.03 -19.77 3.76
CA GLN A 682 -18.13 -18.64 4.68
C GLN A 682 -17.70 -17.32 4.05
N ARG A 683 -16.97 -17.35 2.93
CA ARG A 683 -16.74 -16.10 2.21
C ARG A 683 -18.06 -15.46 1.82
N ILE A 684 -19.13 -16.24 1.72
CA ILE A 684 -20.46 -15.74 1.38
C ILE A 684 -21.27 -15.45 2.64
N SER A 685 -21.28 -16.38 3.61
CA SER A 685 -22.16 -16.26 4.77
C SER A 685 -21.61 -15.37 5.86
N SER A 686 -20.30 -15.14 5.91
CA SER A 686 -19.70 -14.30 6.94
C SER A 686 -19.82 -12.83 6.56
N PRO A 687 -19.51 -11.92 7.49
CA PRO A 687 -19.54 -10.49 7.15
C PRO A 687 -18.36 -10.02 6.32
N LEU A 688 -17.38 -10.88 6.03
CA LEU A 688 -16.10 -10.40 5.51
C LEU A 688 -16.27 -9.61 4.21
N PHE A 689 -17.13 -10.10 3.31
CA PHE A 689 -17.30 -9.46 2.01
C PHE A 689 -18.66 -8.77 1.88
N ASN A 690 -19.36 -8.56 3.00
CA ASN A 690 -20.71 -8.01 2.99
C ASN A 690 -20.60 -6.50 3.14
N THR A 691 -20.55 -5.80 1.99
CA THR A 691 -20.36 -4.35 2.03
C THR A 691 -21.57 -3.63 2.59
N LYS A 692 -22.77 -4.17 2.42
CA LYS A 692 -23.96 -3.56 2.98
C LYS A 692 -23.90 -3.58 4.51
N GLN A 693 -23.58 -4.74 5.09
CA GLN A 693 -23.47 -4.82 6.54
C GLN A 693 -22.33 -3.96 7.05
N TYR A 694 -21.20 -3.94 6.34
CA TYR A 694 -20.07 -3.13 6.74
C TYR A 694 -20.47 -1.66 6.86
N THR A 695 -21.16 -1.13 5.85
CA THR A 695 -21.52 0.28 5.86
C THR A 695 -22.45 0.60 7.04
N MET A 696 -23.39 -0.29 7.34
CA MET A 696 -24.27 -0.06 8.48
C MET A 696 -23.49 0.02 9.78
N GLU A 697 -22.53 -0.90 9.97
CA GLU A 697 -21.73 -0.86 11.18
C GLU A 697 -20.79 0.34 11.18
N LEU A 698 -20.24 0.68 10.02
CA LEU A 698 -19.46 1.91 9.92
C LEU A 698 -20.29 3.13 10.33
N GLU A 699 -21.56 3.16 9.91
CA GLU A 699 -22.42 4.30 10.26
C GLU A 699 -22.67 4.36 11.76
N ARG A 700 -22.93 3.22 12.39
CA ARG A 700 -23.09 3.21 13.84
C ARG A 700 -21.84 3.75 14.53
N LEU A 701 -20.66 3.43 13.99
CA LEU A 701 -19.43 3.93 14.59
C LEU A 701 -19.30 5.45 14.42
N TYR A 702 -19.65 5.96 13.24
CA TYR A 702 -19.63 7.42 13.04
C TYR A 702 -20.52 8.13 14.06
N LEU A 703 -21.73 7.60 14.28
CA LEU A 703 -22.66 8.26 15.19
C LEU A 703 -22.14 8.25 16.63
N GLN A 704 -21.48 7.16 17.04
CA GLN A 704 -20.85 7.16 18.36
C GLN A 704 -19.82 8.28 18.46
N MET A 705 -19.00 8.46 17.41
CA MET A 705 -18.06 9.56 17.39
C MET A 705 -18.79 10.90 17.50
N TRP A 706 -19.83 11.10 16.69
CA TRP A 706 -20.50 12.40 16.67
C TRP A 706 -21.18 12.69 18.01
N GLU A 707 -21.99 11.75 18.49
CA GLU A 707 -22.68 11.96 19.77
C GLU A 707 -21.69 12.28 20.87
N HIS A 708 -20.51 11.65 20.84
CA HIS A 708 -19.47 11.93 21.81
C HIS A 708 -18.98 13.37 21.70
N TYR A 709 -18.63 13.80 20.47
CA TYR A 709 -18.22 15.18 20.27
C TYR A 709 -19.34 16.15 20.58
N ALA A 710 -20.54 15.87 20.06
CA ALA A 710 -21.67 16.75 20.27
C ALA A 710 -21.92 17.02 21.74
N ALA A 711 -21.63 16.04 22.60
CA ALA A 711 -21.77 16.21 24.05
C ALA A 711 -20.61 16.96 24.67
N GLY A 712 -19.72 17.53 23.85
CA GLY A 712 -18.62 18.33 24.35
C GLY A 712 -17.41 17.57 24.84
N ASN A 713 -17.24 16.33 24.39
CA ASN A 713 -16.11 15.51 24.83
C ASN A 713 -15.02 15.49 23.78
N LYS A 714 -13.77 15.44 24.25
CA LYS A 714 -12.65 15.19 23.36
C LYS A 714 -12.62 13.72 22.96
N PRO A 715 -11.91 13.39 21.89
CA PRO A 715 -11.90 12.01 21.40
C PRO A 715 -11.48 11.03 22.49
N ASP A 716 -12.15 9.87 22.52
CA ASP A 716 -11.80 8.80 23.42
C ASP A 716 -12.04 7.47 22.72
N HIS A 717 -11.43 6.41 23.25
CA HIS A 717 -11.51 5.09 22.61
C HIS A 717 -12.97 4.69 22.42
N MET A 718 -13.36 4.46 21.18
CA MET A 718 -14.69 3.94 20.86
C MET A 718 -14.58 2.43 20.66
N ILE A 719 -14.32 1.75 21.78
CA ILE A 719 -14.17 0.29 21.78
C ILE A 719 -15.44 -0.40 22.24
N LYS A 720 -16.53 0.35 22.41
CA LYS A 720 -17.83 -0.20 22.79
C LYS A 720 -17.71 -1.15 23.98
N HIS B 2 5.32 4.84 -2.86
CA HIS B 2 5.46 6.28 -2.68
C HIS B 2 6.82 6.77 -3.17
N GLU B 3 6.97 8.09 -3.25
CA GLU B 3 8.21 8.69 -3.72
C GLU B 3 9.31 8.55 -2.66
N THR B 4 10.48 8.10 -3.10
CA THR B 4 11.61 8.03 -2.17
C THR B 4 12.08 9.43 -1.82
N GLY B 5 12.31 9.68 -0.53
CA GLY B 5 12.82 10.97 -0.11
C GLY B 5 14.23 11.23 -0.61
N THR B 6 14.59 12.51 -0.65
CA THR B 6 15.87 12.98 -1.14
C THR B 6 16.60 13.76 -0.05
N THR B 7 17.83 14.14 -0.35
CA THR B 7 18.68 14.84 0.60
C THR B 7 19.06 16.21 0.06
N ASN B 8 18.62 17.26 0.73
CA ASN B 8 19.05 18.60 0.36
C ASN B 8 20.44 18.88 0.91
N THR B 9 21.24 19.61 0.14
CA THR B 9 22.60 19.99 0.53
C THR B 9 22.60 21.45 0.98
N ALA B 10 23.06 21.68 2.22
CA ALA B 10 23.19 23.04 2.74
C ALA B 10 24.60 23.56 2.45
N THR B 11 24.69 24.69 1.76
CA THR B 11 25.98 25.22 1.35
C THR B 11 26.49 26.19 2.40
N THR B 12 27.71 25.95 2.89
CA THR B 12 28.34 26.84 3.84
C THR B 12 29.07 27.95 3.10
N ALA B 13 28.89 29.19 3.56
CA ALA B 13 29.56 30.33 2.94
C ALA B 13 30.95 30.49 3.51
N THR B 14 31.95 30.62 2.64
CA THR B 14 33.33 30.79 3.08
C THR B 14 34.03 31.89 2.28
#